data_4UW7
#
_entry.id   4UW7
#
_cell.length_a   227.430
_cell.length_b   58.180
_cell.length_c   69.910
_cell.angle_alpha   90.00
_cell.angle_beta   98.81
_cell.angle_gamma   90.00
#
_symmetry.space_group_name_H-M   'C 1 2 1'
#
loop_
_entity.id
_entity.type
_entity.pdbx_description
1 polymer 'L-SHAPED TAIL FIBER PROTEIN'
2 non-polymer GLYCEROL
3 water water
#
_entity_poly.entity_id   1
_entity_poly.type   'polypeptide(L)'
_entity_poly.pdbx_seq_one_letter_code
;ETTATTGIGVNFIGDSATECSFGIENTAGGSAVFHNYTRGASNSVTKNNQLLGGYGSRPWLGSTYTEHSNAALHFLGAGD
TSATNHGGWIRLLVTPKGKTISDRVPAFRLSDNGDLWLVPDGA(MSE)HSDLGLVRSIETLNAAVPRFNAPSIQDGRGLK
IVAPQAPEIDLIAPRGSGASAPAIRA(MSE)WCDGSLADTTRYIGATQPGSTFYIGASGHDGEKFDS(MSE)RGSVAIKS
AGGWGPTSTPTQVVLETCESGSISRLPRWGVDHNGTL(MSE)P(MSE)ADNRYNLGWGSGRVKQVYAVNGTINT
;
_entity_poly.pdbx_strand_id   A,B,C
#
loop_
_chem_comp.id
_chem_comp.type
_chem_comp.name
_chem_comp.formula
GOL non-polymer GLYCEROL 'C3 H8 O3'
#
# COMPACT_ATOMS: atom_id res chain seq x y z
N SER A 21 -28.47 14.54 16.70
CA SER A 21 -27.04 14.59 17.21
C SER A 21 -26.97 14.29 18.70
N PHE A 22 -25.85 13.71 19.15
CA PHE A 22 -25.68 13.34 20.54
CA PHE A 22 -25.66 13.32 20.57
C PHE A 22 -24.23 13.60 21.00
N GLY A 23 -24.06 14.65 21.81
CA GLY A 23 -22.73 15.19 22.12
C GLY A 23 -22.30 15.08 23.58
N ILE A 24 -21.12 14.51 23.83
CA ILE A 24 -20.39 14.70 25.09
C ILE A 24 -19.46 15.92 25.05
N GLU A 25 -19.43 16.64 26.16
CA GLU A 25 -18.82 17.95 26.25
C GLU A 25 -17.88 17.97 27.46
N ASN A 26 -16.83 18.76 27.37
CA ASN A 26 -15.91 18.97 28.45
C ASN A 26 -15.45 20.41 28.40
N THR A 27 -16.04 21.21 29.31
CA THR A 27 -16.07 22.67 29.21
C THR A 27 -14.87 23.32 29.92
N ALA A 28 -14.22 22.55 30.79
CA ALA A 28 -12.92 22.92 31.37
C ALA A 28 -11.73 22.51 30.49
N GLY A 29 -12.00 21.80 29.39
CA GLY A 29 -10.99 21.54 28.35
C GLY A 29 -9.96 20.51 28.74
N GLY A 30 -10.33 19.65 29.68
CA GLY A 30 -10.20 18.21 29.49
C GLY A 30 -10.77 17.64 28.20
N SER A 31 -10.43 16.38 27.96
CA SER A 31 -10.87 15.62 26.81
C SER A 31 -12.20 14.94 27.08
N ALA A 32 -12.98 14.73 26.03
CA ALA A 32 -14.32 14.13 26.15
C ALA A 32 -14.39 12.87 25.32
N VAL A 33 -14.29 11.72 25.99
CA VAL A 33 -14.04 10.45 25.31
C VAL A 33 -15.14 9.44 25.60
N PHE A 34 -15.27 8.46 24.73
CA PHE A 34 -16.29 7.47 24.85
C PHE A 34 -15.62 6.13 25.12
N HIS A 35 -16.18 5.36 26.03
CA HIS A 35 -15.54 4.12 26.44
C HIS A 35 -16.51 2.97 26.34
N ASN A 36 -16.04 1.83 25.83
CA ASN A 36 -16.79 0.60 25.91
C ASN A 36 -16.16 -0.26 26.97
N TYR A 37 -17.00 -0.69 27.91
CA TYR A 37 -16.63 -1.61 28.97
C TYR A 37 -17.30 -2.97 28.72
N THR A 38 -16.60 -4.03 29.11
CA THR A 38 -16.93 -5.39 28.70
C THR A 38 -16.15 -6.31 29.66
N ARG A 39 -16.75 -7.44 30.03
CA ARG A 39 -16.09 -8.46 30.89
C ARG A 39 -16.16 -9.84 30.27
N GLY A 40 -15.45 -10.79 30.88
CA GLY A 40 -15.66 -12.21 30.59
C GLY A 40 -16.92 -12.70 31.29
N ALA A 41 -17.30 -13.94 31.01
CA ALA A 41 -18.39 -14.59 31.73
C ALA A 41 -18.09 -14.57 33.25
N SER A 42 -19.11 -14.22 34.05
CA SER A 42 -19.04 -14.32 35.50
C SER A 42 -17.88 -13.50 36.10
N ASN A 43 -17.78 -12.25 35.69
CA ASN A 43 -16.65 -11.37 36.06
C ASN A 43 -15.25 -11.95 35.83
N SER A 44 -15.14 -12.91 34.90
CA SER A 44 -13.81 -13.34 34.51
C SER A 44 -13.14 -12.25 33.63
N VAL A 45 -11.81 -12.30 33.60
CA VAL A 45 -10.99 -11.55 32.64
C VAL A 45 -11.46 -11.69 31.19
N THR A 46 -11.50 -10.58 30.45
CA THR A 46 -11.92 -10.61 29.02
C THR A 46 -10.97 -11.48 28.17
N LYS A 47 -11.52 -11.96 27.06
CA LYS A 47 -10.88 -13.02 26.28
C LYS A 47 -10.25 -12.52 24.94
N ASN A 48 -9.30 -13.31 24.44
CA ASN A 48 -8.82 -13.18 23.08
C ASN A 48 -9.94 -13.17 22.05
N ASN A 49 -9.92 -12.16 21.19
CA ASN A 49 -10.93 -11.94 20.17
C ASN A 49 -12.36 -11.70 20.66
N GLN A 50 -12.52 -11.53 21.97
CA GLN A 50 -13.80 -11.13 22.50
C GLN A 50 -14.06 -9.70 22.05
N LEU A 51 -15.30 -9.40 21.70
CA LEU A 51 -15.65 -8.10 21.17
C LEU A 51 -15.77 -7.07 22.30
N LEU A 52 -14.72 -6.30 22.50
CA LEU A 52 -14.61 -5.41 23.65
C LEU A 52 -15.43 -4.13 23.51
N GLY A 53 -15.85 -3.82 22.29
CA GLY A 53 -16.78 -2.71 22.03
C GLY A 53 -16.86 -2.38 20.55
N GLY A 54 -17.72 -1.42 20.19
CA GLY A 54 -18.22 -1.35 18.83
C GLY A 54 -19.05 -0.13 18.59
N TYR A 55 -19.05 0.34 17.34
CA TYR A 55 -19.96 1.36 16.88
C TYR A 55 -20.36 0.98 15.46
N GLY A 56 -21.61 1.21 15.08
CA GLY A 56 -22.25 0.42 14.00
C GLY A 56 -23.54 1.02 13.48
N SER A 57 -23.62 1.26 12.18
CA SER A 57 -24.87 1.70 11.57
C SER A 57 -25.76 0.50 11.41
N ARG A 58 -27.01 0.68 11.84
CA ARG A 58 -28.10 -0.17 11.41
C ARG A 58 -29.06 0.64 10.54
N PRO A 59 -29.33 0.16 9.33
CA PRO A 59 -30.22 0.87 8.45
C PRO A 59 -31.64 0.27 8.35
N TRP A 60 -32.54 1.03 7.73
CA TRP A 60 -33.98 0.84 7.83
C TRP A 60 -34.50 0.12 6.59
N LEU A 61 -35.18 -1.00 6.81
CA LEU A 61 -35.65 -1.88 5.73
C LEU A 61 -36.98 -1.46 5.11
N GLY A 62 -37.75 -0.63 5.83
CA GLY A 62 -39.13 -0.35 5.45
C GLY A 62 -40.01 -0.22 6.68
N SER A 63 -39.94 -1.22 7.56
CA SER A 63 -40.55 -1.16 8.88
C SER A 63 -39.64 -1.55 10.07
N THR A 64 -38.45 -2.10 9.80
CA THR A 64 -37.47 -2.43 10.86
C THR A 64 -36.06 -1.94 10.54
N TYR A 65 -35.16 -2.13 11.51
CA TYR A 65 -33.73 -2.11 11.26
C TYR A 65 -33.15 -3.51 11.03
N THR A 66 -32.01 -3.55 10.33
CA THR A 66 -31.21 -4.77 10.19
C THR A 66 -30.90 -5.30 11.56
N GLU A 67 -30.69 -6.60 11.65
CA GLU A 67 -30.51 -7.27 12.93
C GLU A 67 -29.17 -6.93 13.59
N HIS A 68 -28.11 -6.83 12.80
CA HIS A 68 -26.81 -6.28 13.24
C HIS A 68 -26.43 -5.12 12.34
N SER A 69 -25.34 -4.44 12.67
CA SER A 69 -24.83 -3.34 11.84
C SER A 69 -24.29 -3.81 10.48
N ASN A 70 -24.46 -2.95 9.47
CA ASN A 70 -23.95 -3.25 8.14
C ASN A 70 -22.58 -2.60 7.86
N ALA A 71 -22.20 -1.66 8.75
CA ALA A 71 -20.87 -1.10 8.76
C ALA A 71 -20.54 -0.78 10.18
N ALA A 72 -19.30 -1.03 10.61
CA ALA A 72 -18.99 -1.05 12.02
C ALA A 72 -17.51 -0.88 12.29
N LEU A 73 -17.20 -0.30 13.44
CA LEU A 73 -15.86 -0.35 14.01
C LEU A 73 -15.87 -1.26 15.21
N HIS A 74 -15.04 -2.29 15.22
CA HIS A 74 -15.00 -3.23 16.33
C HIS A 74 -13.66 -3.10 17.03
N PHE A 75 -13.68 -3.04 18.36
CA PHE A 75 -12.48 -3.31 19.19
C PHE A 75 -12.52 -4.73 19.73
N LEU A 76 -11.42 -5.47 19.57
CA LEU A 76 -11.34 -6.86 19.98
C LEU A 76 -10.14 -7.08 20.82
N GLY A 77 -10.18 -8.10 21.67
CA GLY A 77 -9.05 -8.50 22.48
C GLY A 77 -8.05 -9.26 21.67
N ALA A 78 -6.78 -9.04 21.97
CA ALA A 78 -5.70 -9.91 21.51
C ALA A 78 -5.07 -10.57 22.72
N GLY A 79 -5.27 -11.87 22.87
CA GLY A 79 -4.97 -12.56 24.10
C GLY A 79 -6.01 -12.32 25.19
N ASP A 80 -6.22 -13.35 26.02
CA ASP A 80 -6.93 -13.19 27.27
C ASP A 80 -6.24 -12.10 28.06
N THR A 81 -7.05 -11.17 28.52
CA THR A 81 -6.54 -10.06 29.30
C THR A 81 -5.96 -10.55 30.65
N SER A 82 -5.04 -9.77 31.22
CA SER A 82 -4.22 -10.21 32.36
C SER A 82 -3.37 -9.03 32.77
N ALA A 83 -2.59 -9.16 33.83
CA ALA A 83 -1.85 -7.99 34.35
C ALA A 83 -0.69 -7.65 33.42
N THR A 84 -0.31 -8.62 32.59
CA THR A 84 0.80 -8.45 31.64
C THR A 84 0.34 -8.43 30.17
N ASN A 85 -0.97 -8.53 29.94
CA ASN A 85 -1.53 -8.46 28.59
C ASN A 85 -2.80 -7.62 28.55
N HIS A 86 -2.69 -6.40 28.03
CA HIS A 86 -3.87 -5.61 27.69
C HIS A 86 -4.18 -5.63 26.18
N GLY A 87 -3.91 -6.76 25.53
CA GLY A 87 -3.80 -6.80 24.09
C GLY A 87 -5.11 -6.43 23.45
N GLY A 88 -5.07 -5.57 22.43
CA GLY A 88 -6.26 -5.17 21.69
C GLY A 88 -6.00 -4.75 20.24
N TRP A 89 -7.00 -4.99 19.40
CA TRP A 89 -6.93 -4.72 17.98
C TRP A 89 -8.26 -4.20 17.48
N ILE A 90 -8.28 -3.78 16.20
CA ILE A 90 -9.39 -3.01 15.64
C ILE A 90 -9.73 -3.64 14.34
N ARG A 91 -11.01 -3.65 13.98
CA ARG A 91 -11.38 -3.91 12.59
C ARG A 91 -12.59 -3.11 12.13
N LEU A 92 -12.68 -2.89 10.83
CA LEU A 92 -13.79 -2.17 10.25
C LEU A 92 -14.52 -3.11 9.34
N LEU A 93 -15.84 -3.16 9.49
CA LEU A 93 -16.68 -4.04 8.73
C LEU A 93 -17.54 -3.24 7.77
N VAL A 94 -17.70 -3.75 6.56
CA VAL A 94 -18.54 -3.15 5.51
C VAL A 94 -19.45 -4.24 4.96
N THR A 95 -20.46 -3.86 4.17
CA THR A 95 -21.40 -4.84 3.56
C THR A 95 -21.57 -4.55 2.07
N PRO A 96 -21.29 -5.54 1.19
CA PRO A 96 -21.23 -5.17 -0.22
C PRO A 96 -22.62 -4.98 -0.82
N LYS A 97 -22.79 -3.93 -1.63
CA LYS A 97 -24.04 -3.70 -2.36
C LYS A 97 -24.59 -4.98 -2.98
N GLY A 98 -25.85 -5.28 -2.71
CA GLY A 98 -26.48 -6.50 -3.20
C GLY A 98 -26.26 -7.71 -2.30
N LYS A 99 -25.68 -7.52 -1.11
CA LYS A 99 -25.68 -8.58 -0.10
C LYS A 99 -26.19 -8.13 1.26
N THR A 100 -26.63 -9.11 2.05
CA THR A 100 -27.17 -8.83 3.38
C THR A 100 -26.04 -8.87 4.37
N ILE A 101 -26.33 -8.48 5.61
CA ILE A 101 -25.31 -8.35 6.63
C ILE A 101 -24.79 -9.71 7.04
N SER A 102 -25.50 -10.78 6.66
CA SER A 102 -24.93 -12.15 6.66
C SER A 102 -23.55 -12.19 6.02
N ASP A 103 -23.39 -11.54 4.87
CA ASP A 103 -22.13 -11.58 4.13
C ASP A 103 -21.33 -10.30 4.28
N ARG A 104 -21.43 -9.67 5.44
CA ARG A 104 -20.53 -8.55 5.76
C ARG A 104 -19.08 -8.96 6.01
N VAL A 105 -18.18 -8.03 5.74
CA VAL A 105 -16.81 -8.33 5.44
C VAL A 105 -15.92 -7.48 6.35
N PRO A 106 -15.13 -8.12 7.22
CA PRO A 106 -14.19 -7.33 8.03
C PRO A 106 -12.94 -6.99 7.22
N ALA A 107 -13.09 -6.02 6.33
CA ALA A 107 -12.13 -5.84 5.26
C ALA A 107 -10.90 -5.09 5.72
N PHE A 108 -10.99 -4.42 6.85
CA PHE A 108 -9.88 -3.64 7.36
C PHE A 108 -9.54 -4.19 8.72
N ARG A 109 -8.33 -4.71 8.89
CA ARG A 109 -7.93 -5.21 10.21
C ARG A 109 -6.63 -4.58 10.68
N LEU A 110 -6.71 -3.90 11.80
CA LEU A 110 -5.51 -3.27 12.34
C LEU A 110 -5.00 -4.13 13.48
N SER A 111 -3.95 -4.87 13.20
CA SER A 111 -3.51 -5.90 14.10
C SER A 111 -2.96 -5.33 15.41
N ASP A 112 -3.06 -6.11 16.48
CA ASP A 112 -2.42 -5.73 17.72
C ASP A 112 -0.94 -5.40 17.53
N ASN A 113 -0.27 -6.07 16.57
CA ASN A 113 1.13 -5.73 16.26
C ASN A 113 1.30 -4.45 15.48
N GLY A 114 0.23 -3.98 14.86
CA GLY A 114 0.22 -2.68 14.18
C GLY A 114 0.12 -2.81 12.69
N ASP A 115 0.23 -4.03 12.17
CA ASP A 115 0.07 -4.27 10.72
C ASP A 115 -1.31 -3.90 10.30
N LEU A 116 -1.42 -3.49 9.05
CA LEU A 116 -2.73 -3.33 8.43
C LEU A 116 -2.97 -4.48 7.49
N TRP A 117 -4.02 -5.21 7.78
CA TRP A 117 -4.49 -6.24 6.81
C TRP A 117 -5.68 -5.73 6.04
N LEU A 118 -5.63 -5.93 4.74
CA LEU A 118 -6.68 -5.46 3.86
C LEU A 118 -7.31 -6.65 3.11
N VAL A 119 -8.53 -7.00 3.47
CA VAL A 119 -9.11 -8.28 3.06
C VAL A 119 -10.47 -8.11 2.39
N PRO A 120 -10.49 -7.78 1.11
CA PRO A 120 -11.78 -7.47 0.50
C PRO A 120 -12.72 -8.65 0.37
N ASP A 121 -13.91 -8.35 -0.09
CA ASP A 121 -14.89 -9.38 -0.41
C ASP A 121 -14.28 -10.42 -1.33
N GLY A 122 -14.49 -11.69 -1.00
CA GLY A 122 -14.08 -12.81 -1.86
C GLY A 122 -12.79 -13.46 -1.37
N ALA A 123 -12.13 -12.82 -0.41
CA ALA A 123 -10.74 -13.12 -0.14
C ALA A 123 -10.61 -14.17 0.98
N MSE A 124 -11.35 -13.97 2.07
CA MSE A 124 -11.35 -14.88 3.22
C MSE A 124 -12.76 -15.22 3.58
O MSE A 124 -13.62 -14.36 3.57
CB MSE A 124 -10.75 -14.22 4.45
CG MSE A 124 -9.25 -14.20 4.33
SE MSE A 124 -8.43 -13.77 6.06
CE MSE A 124 -6.79 -12.94 5.38
N HIS A 125 -12.98 -16.48 3.95
CA HIS A 125 -14.21 -16.88 4.61
C HIS A 125 -14.40 -16.24 5.95
N SER A 126 -15.66 -16.01 6.31
CA SER A 126 -16.00 -15.36 7.57
C SER A 126 -15.53 -16.12 8.81
N ASP A 127 -15.32 -17.42 8.69
CA ASP A 127 -14.63 -18.16 9.75
C ASP A 127 -13.23 -17.63 10.07
N LEU A 128 -12.67 -16.87 9.14
CA LEU A 128 -11.36 -16.30 9.33
C LEU A 128 -11.51 -14.82 9.56
N GLY A 129 -12.66 -14.41 10.10
CA GLY A 129 -12.93 -13.02 10.33
C GLY A 129 -12.03 -12.44 11.40
N LEU A 130 -11.52 -13.31 12.27
CA LEU A 130 -10.75 -12.89 13.43
C LEU A 130 -9.29 -13.05 13.19
N VAL A 131 -8.90 -13.59 12.03
CA VAL A 131 -7.48 -13.56 11.63
C VAL A 131 -6.89 -12.13 11.60
N ARG A 132 -5.80 -11.94 12.33
CA ARG A 132 -5.18 -10.62 12.51
C ARG A 132 -3.67 -10.60 12.32
N SER A 133 -3.05 -11.75 12.03
CA SER A 133 -1.61 -11.85 11.84
C SER A 133 -1.35 -13.06 10.99
N ILE A 134 -0.15 -13.14 10.42
CA ILE A 134 0.31 -14.41 9.84
C ILE A 134 0.29 -15.55 10.87
N GLU A 135 0.71 -15.24 12.09
CA GLU A 135 0.61 -16.23 13.18
C GLU A 135 -0.79 -16.85 13.28
N THR A 136 -1.83 -16.02 13.27
CA THR A 136 -3.18 -16.49 13.50
C THR A 136 -3.78 -17.09 12.24
N LEU A 137 -3.32 -16.61 11.10
CA LEU A 137 -3.70 -17.22 9.82
C LEU A 137 -3.11 -18.63 9.69
N ASN A 138 -1.87 -18.79 10.14
CA ASN A 138 -1.22 -20.10 10.14
C ASN A 138 -1.98 -21.06 11.02
N ALA A 139 -2.43 -20.54 12.16
CA ALA A 139 -3.24 -21.30 13.11
C ALA A 139 -4.54 -21.77 12.46
N ALA A 140 -5.25 -20.90 11.78
CA ALA A 140 -6.60 -21.23 11.31
C ALA A 140 -6.56 -22.06 10.03
N VAL A 141 -5.43 -21.97 9.34
CA VAL A 141 -5.28 -22.64 8.06
C VAL A 141 -3.95 -23.36 8.06
N PRO A 142 -3.87 -24.51 8.73
CA PRO A 142 -2.55 -25.07 9.10
C PRO A 142 -1.61 -25.34 7.91
N ARG A 143 -2.17 -25.49 6.71
CA ARG A 143 -1.37 -25.66 5.51
C ARG A 143 -0.75 -24.38 4.97
N PHE A 144 -1.16 -23.23 5.48
CA PHE A 144 -0.57 -21.96 5.06
C PHE A 144 0.94 -21.86 5.28
N ASN A 145 1.37 -21.91 6.53
CA ASN A 145 2.81 -21.86 6.82
C ASN A 145 3.49 -20.72 6.08
N ALA A 146 3.14 -19.51 6.45
CA ALA A 146 3.86 -18.38 5.95
C ALA A 146 4.76 -17.89 7.07
N PRO A 147 5.81 -17.13 6.72
CA PRO A 147 6.83 -16.80 7.72
C PRO A 147 6.32 -15.73 8.68
N SER A 148 6.09 -16.10 9.92
CA SER A 148 5.53 -15.16 10.89
C SER A 148 6.52 -14.06 11.29
N ILE A 149 7.74 -14.12 10.76
CA ILE A 149 8.73 -13.09 10.99
C ILE A 149 8.35 -11.84 10.21
N GLN A 150 7.49 -12.03 9.20
CA GLN A 150 6.92 -10.92 8.43
C GLN A 150 5.81 -10.15 9.13
N ASP A 151 5.31 -10.64 10.28
CA ASP A 151 4.36 -9.84 11.09
C ASP A 151 5.00 -8.59 11.69
N GLY A 152 4.24 -7.50 11.65
CA GLY A 152 4.72 -6.22 12.14
C GLY A 152 5.43 -5.34 11.13
N ARG A 153 5.42 -5.76 9.85
CA ARG A 153 6.18 -5.09 8.77
C ARG A 153 5.36 -4.13 7.89
N GLY A 154 4.05 -4.16 8.04
CA GLY A 154 3.22 -3.09 7.51
C GLY A 154 1.97 -3.71 6.87
N LEU A 155 1.93 -3.73 5.55
CA LEU A 155 0.65 -3.83 4.86
C LEU A 155 0.51 -5.19 4.20
N LYS A 156 -0.54 -5.89 4.55
CA LYS A 156 -0.81 -7.15 3.89
C LYS A 156 -2.11 -7.03 3.16
N ILE A 157 -2.07 -7.35 1.89
CA ILE A 157 -3.29 -7.34 1.09
C ILE A 157 -3.63 -8.74 0.65
N VAL A 158 -4.84 -9.15 0.94
CA VAL A 158 -5.32 -10.47 0.52
C VAL A 158 -6.54 -10.34 -0.32
N ALA A 159 -6.45 -10.83 -1.55
CA ALA A 159 -7.56 -10.84 -2.48
C ALA A 159 -7.54 -12.11 -3.28
N PRO A 160 -8.72 -12.60 -3.73
CA PRO A 160 -8.65 -13.78 -4.56
C PRO A 160 -7.96 -13.44 -5.87
N GLN A 161 -6.94 -14.22 -6.21
CA GLN A 161 -6.17 -14.13 -7.46
C GLN A 161 -5.24 -12.93 -7.63
N ALA A 162 -5.82 -11.74 -7.52
CA ALA A 162 -5.23 -10.55 -8.12
C ALA A 162 -5.15 -9.42 -7.10
N PRO A 163 -4.47 -9.64 -5.98
CA PRO A 163 -4.32 -8.52 -5.06
C PRO A 163 -3.48 -7.45 -5.68
N GLU A 164 -3.91 -6.23 -5.45
CA GLU A 164 -3.50 -5.16 -6.34
C GLU A 164 -3.33 -3.82 -5.61
N ILE A 165 -2.29 -3.10 -5.96
CA ILE A 165 -2.26 -1.69 -5.59
C ILE A 165 -2.38 -0.83 -6.82
N ASP A 166 -3.34 0.08 -6.81
CA ASP A 166 -3.53 0.98 -7.97
C ASP A 166 -3.11 2.39 -7.56
N LEU A 167 -2.22 2.96 -8.35
CA LEU A 167 -1.74 4.32 -8.13
C LEU A 167 -2.24 5.34 -9.16
N ILE A 168 -3.29 6.08 -8.82
CA ILE A 168 -4.02 6.85 -9.83
C ILE A 168 -3.54 8.31 -9.85
N ALA A 169 -3.02 8.72 -11.01
CA ALA A 169 -2.07 9.81 -11.11
C ALA A 169 -2.47 10.85 -12.19
N PRO A 170 -3.57 11.60 -11.96
CA PRO A 170 -3.94 12.62 -12.93
C PRO A 170 -2.85 13.68 -13.06
N ARG A 171 -2.51 14.04 -14.31
CA ARG A 171 -1.50 15.05 -14.57
C ARG A 171 -1.71 16.38 -13.83
N GLY A 172 -2.96 16.82 -13.66
CA GLY A 172 -3.33 18.24 -13.80
C GLY A 172 -2.35 19.03 -14.62
N SER A 173 -1.56 19.85 -13.94
CA SER A 173 -0.76 20.85 -14.66
C SER A 173 0.73 20.49 -14.70
N GLY A 174 1.11 19.37 -14.08
CA GLY A 174 2.51 18.92 -14.09
C GLY A 174 2.68 17.60 -14.84
N ALA A 175 3.09 16.56 -14.12
CA ALA A 175 3.46 15.28 -14.76
C ALA A 175 2.87 14.17 -13.92
N SER A 176 2.23 13.18 -14.60
CA SER A 176 1.89 11.89 -14.04
C SER A 176 3.13 11.13 -13.57
N ALA A 177 3.42 11.12 -12.25
CA ALA A 177 4.69 10.55 -11.69
C ALA A 177 4.45 9.65 -10.47
N PRO A 178 3.52 8.72 -10.59
CA PRO A 178 3.33 7.80 -9.48
C PRO A 178 4.64 7.14 -9.09
N ALA A 179 4.80 6.78 -7.83
CA ALA A 179 6.12 6.20 -7.45
C ALA A 179 6.07 5.26 -6.24
N ILE A 180 6.97 4.27 -6.26
CA ILE A 180 7.15 3.46 -5.06
C ILE A 180 8.54 3.66 -4.61
N ARG A 181 8.68 4.17 -3.41
CA ARG A 181 9.93 4.83 -3.01
C ARG A 181 10.41 4.20 -1.74
N ALA A 182 11.49 3.44 -1.82
CA ALA A 182 12.16 2.98 -0.58
C ALA A 182 13.02 4.10 -0.02
N MSE A 183 13.14 4.15 1.31
CA MSE A 183 13.88 5.23 2.00
C MSE A 183 14.79 4.61 3.02
O MSE A 183 14.40 4.32 4.13
CB MSE A 183 12.90 6.20 2.57
CG MSE A 183 12.41 7.14 1.47
SE MSE A 183 10.92 8.16 2.23
CE MSE A 183 11.95 9.58 3.17
N TRP A 184 15.98 4.31 2.57
CA TRP A 184 17.03 3.75 3.40
C TRP A 184 17.63 4.80 4.35
N CYS A 185 17.91 4.39 5.59
CA CYS A 185 18.81 5.15 6.48
C CYS A 185 19.42 4.27 7.52
N ASP A 186 20.46 4.81 8.16
CA ASP A 186 21.02 4.20 9.36
C ASP A 186 20.24 4.71 10.55
N GLY A 187 20.30 3.96 11.63
CA GLY A 187 19.79 4.45 12.92
C GLY A 187 18.41 3.91 13.18
N SER A 188 17.62 4.60 13.99
CA SER A 188 16.37 4.04 14.53
C SER A 188 15.53 5.13 15.11
N LEU A 189 14.22 5.02 14.89
CA LEU A 189 13.26 5.91 15.50
C LEU A 189 12.58 5.32 16.72
N ALA A 190 13.02 4.13 17.10
CA ALA A 190 12.30 3.35 18.09
C ALA A 190 12.75 3.75 19.49
N ASP A 191 13.99 4.23 19.62
CA ASP A 191 14.59 4.55 20.92
C ASP A 191 14.46 6.04 21.23
N THR A 192 15.03 6.45 22.37
CA THR A 192 15.02 7.85 22.80
C THR A 192 16.14 8.66 22.15
N THR A 193 17.27 8.01 21.88
CA THR A 193 18.43 8.67 21.21
C THR A 193 18.04 9.25 19.86
N ARG A 194 17.43 8.41 19.02
CA ARG A 194 16.94 8.78 17.70
C ARG A 194 18.03 9.26 16.77
N TYR A 195 19.16 8.55 16.77
CA TYR A 195 20.17 8.79 15.75
C TYR A 195 19.56 8.37 14.41
N ILE A 196 19.68 9.25 13.43
CA ILE A 196 19.51 8.89 12.02
C ILE A 196 20.79 9.22 11.27
N GLY A 197 21.14 8.36 10.31
CA GLY A 197 22.46 8.41 9.70
C GLY A 197 22.48 7.89 8.28
N ALA A 198 23.67 7.77 7.72
CA ALA A 198 23.80 7.57 6.29
C ALA A 198 23.48 6.13 5.92
N THR A 199 22.82 5.97 4.78
CA THR A 199 22.52 4.68 4.22
C THR A 199 23.77 3.75 4.21
N GLN A 200 23.57 2.52 4.68
CA GLN A 200 24.68 1.62 4.92
C GLN A 200 24.86 0.68 3.73
N PRO A 201 25.99 -0.02 3.68
CA PRO A 201 26.07 -1.04 2.65
C PRO A 201 25.16 -2.23 2.98
N GLY A 202 24.82 -3.03 1.96
CA GLY A 202 23.82 -4.11 2.08
C GLY A 202 22.39 -3.67 2.42
N SER A 203 22.12 -2.37 2.40
CA SER A 203 20.80 -1.84 2.08
C SER A 203 20.28 -2.40 0.78
N THR A 204 19.00 -2.75 0.76
CA THR A 204 18.34 -3.36 -0.44
C THR A 204 16.89 -2.91 -0.52
N PHE A 205 16.36 -2.91 -1.72
CA PHE A 205 14.94 -2.74 -1.92
C PHE A 205 14.49 -3.78 -2.90
N TYR A 206 13.89 -4.84 -2.38
CA TYR A 206 13.48 -5.99 -3.21
C TYR A 206 12.05 -5.90 -3.64
N ILE A 207 11.80 -6.06 -4.91
CA ILE A 207 10.42 -6.25 -5.40
C ILE A 207 10.31 -7.58 -6.10
N GLY A 208 9.55 -8.49 -5.52
CA GLY A 208 9.64 -9.88 -5.98
C GLY A 208 8.65 -10.77 -5.30
N ALA A 209 8.73 -12.06 -5.60
CA ALA A 209 7.62 -12.97 -5.42
C ALA A 209 8.12 -14.09 -4.56
N SER A 210 7.52 -14.22 -3.37
CA SER A 210 7.45 -15.47 -2.61
C SER A 210 6.33 -16.37 -3.11
N GLY A 211 6.30 -17.59 -2.60
CA GLY A 211 5.18 -18.49 -2.91
C GLY A 211 5.21 -19.83 -2.20
N HIS A 212 4.06 -20.51 -2.15
CA HIS A 212 3.98 -21.84 -1.53
C HIS A 212 4.70 -22.84 -2.42
N ASP A 213 5.57 -23.65 -1.80
CA ASP A 213 6.29 -24.72 -2.51
C ASP A 213 5.56 -26.09 -2.38
N GLY A 214 4.41 -26.08 -1.73
CA GLY A 214 3.68 -27.29 -1.40
C GLY A 214 3.81 -27.67 0.05
N GLU A 215 4.84 -27.13 0.71
CA GLU A 215 5.00 -27.18 2.15
C GLU A 215 4.75 -25.82 2.83
N LYS A 216 5.33 -24.77 2.26
CA LYS A 216 5.40 -23.47 2.95
C LYS A 216 5.74 -22.31 2.02
N PHE A 217 5.49 -21.09 2.48
CA PHE A 217 6.07 -19.90 1.90
C PHE A 217 7.42 -19.74 2.56
N ASP A 218 8.33 -19.14 1.81
CA ASP A 218 9.63 -18.83 2.35
C ASP A 218 10.13 -17.49 1.75
N SER A 219 11.36 -17.47 1.23
CA SER A 219 11.98 -16.28 0.75
C SER A 219 11.54 -16.09 -0.70
N MSE A 220 11.82 -14.92 -1.25
CA MSE A 220 11.46 -14.61 -2.64
C MSE A 220 12.32 -15.43 -3.54
O MSE A 220 13.48 -15.67 -3.23
CB MSE A 220 11.73 -13.17 -3.00
CG MSE A 220 10.68 -12.22 -2.43
SE MSE A 220 11.27 -10.38 -2.81
CE MSE A 220 10.17 -9.49 -1.45
N ARG A 221 11.77 -15.84 -4.68
CA ARG A 221 12.53 -16.68 -5.61
C ARG A 221 12.80 -16.07 -6.99
N GLY A 222 12.10 -14.99 -7.29
CA GLY A 222 12.44 -14.08 -8.40
C GLY A 222 12.25 -12.66 -7.94
N SER A 223 13.14 -11.77 -8.34
CA SER A 223 13.10 -10.37 -7.85
C SER A 223 13.82 -9.40 -8.80
N VAL A 224 13.38 -8.16 -8.76
CA VAL A 224 14.24 -7.02 -9.06
C VAL A 224 14.62 -6.43 -7.74
N ALA A 225 15.87 -6.09 -7.55
CA ALA A 225 16.28 -5.33 -6.34
C ALA A 225 17.04 -4.14 -6.74
N ILE A 226 16.77 -3.06 -6.07
CA ILE A 226 17.69 -1.94 -5.99
C ILE A 226 18.57 -2.08 -4.75
N LYS A 227 19.88 -2.02 -4.93
CA LYS A 227 20.83 -2.07 -3.80
C LYS A 227 21.71 -0.84 -3.69
N SER A 228 22.04 -0.47 -2.46
CA SER A 228 23.27 0.30 -2.21
C SER A 228 24.45 -0.50 -2.72
N ALA A 229 25.36 0.14 -3.46
CA ALA A 229 26.65 -0.50 -3.79
C ALA A 229 27.82 0.25 -3.11
N GLY A 230 27.87 0.20 -1.79
CA GLY A 230 28.59 1.18 -1.02
C GLY A 230 27.76 1.74 0.11
N GLY A 231 28.46 2.11 1.18
CA GLY A 231 27.99 3.16 2.05
C GLY A 231 27.94 4.48 1.34
N TRP A 232 27.04 5.32 1.84
CA TRP A 232 26.77 6.60 1.26
C TRP A 232 27.42 7.66 2.10
N GLY A 233 27.73 8.77 1.44
CA GLY A 233 27.97 10.02 2.08
C GLY A 233 27.37 11.10 1.20
N PRO A 234 27.57 12.38 1.60
CA PRO A 234 26.91 13.51 0.96
C PRO A 234 27.37 13.83 -0.46
N THR A 235 28.48 13.23 -0.91
CA THR A 235 28.89 13.33 -2.33
C THR A 235 28.93 12.01 -3.11
N SER A 236 28.63 10.88 -2.45
CA SER A 236 28.62 9.58 -3.12
C SER A 236 27.47 8.71 -2.62
N THR A 237 26.52 8.41 -3.52
CA THR A 237 25.39 7.55 -3.18
C THR A 237 25.17 6.40 -4.18
N PRO A 238 26.15 5.50 -4.29
CA PRO A 238 26.14 4.45 -5.34
C PRO A 238 24.94 3.54 -5.19
N THR A 239 24.39 3.11 -6.33
CA THR A 239 23.37 2.08 -6.37
C THR A 239 23.68 1.06 -7.48
N GLN A 240 23.17 -0.14 -7.33
CA GLN A 240 22.98 -1.03 -8.47
C GLN A 240 21.55 -1.54 -8.61
N VAL A 241 21.22 -2.05 -9.78
CA VAL A 241 19.92 -2.79 -9.93
C VAL A 241 20.15 -4.23 -10.37
N VAL A 242 19.55 -5.17 -9.68
CA VAL A 242 19.90 -6.59 -9.86
C VAL A 242 18.65 -7.43 -10.17
N LEU A 243 18.76 -8.32 -11.13
CA LEU A 243 17.66 -9.28 -11.39
C LEU A 243 17.99 -10.69 -10.93
N GLU A 244 17.09 -11.27 -10.15
CA GLU A 244 17.32 -12.58 -9.56
C GLU A 244 16.27 -13.59 -10.02
N THR A 245 16.73 -14.78 -10.38
CA THR A 245 15.82 -15.89 -10.59
C THR A 245 16.26 -17.10 -9.81
N CYS A 246 15.42 -18.12 -9.88
CA CYS A 246 15.69 -19.42 -9.32
C CYS A 246 15.65 -20.36 -10.46
N GLU A 247 16.53 -21.34 -10.47
CA GLU A 247 16.56 -22.32 -11.54
C GLU A 247 15.57 -23.41 -11.18
N SER A 248 14.79 -23.85 -12.17
CA SER A 248 14.28 -25.24 -12.23
C SER A 248 15.17 -26.32 -11.59
N GLY A 249 14.62 -27.02 -10.61
CA GLY A 249 15.41 -27.96 -9.80
C GLY A 249 16.16 -27.34 -8.62
N SER A 250 16.21 -26.01 -8.53
CA SER A 250 16.78 -25.33 -7.36
C SER A 250 15.73 -24.59 -6.48
N ILE A 251 16.13 -24.22 -5.27
CA ILE A 251 15.37 -23.29 -4.41
C ILE A 251 16.22 -22.10 -3.95
N SER A 252 17.25 -21.84 -4.72
CA SER A 252 18.12 -20.74 -4.49
C SER A 252 17.82 -19.64 -5.51
N ARG A 253 17.38 -18.51 -4.99
CA ARG A 253 17.34 -17.28 -5.79
C ARG A 253 18.75 -16.69 -5.97
N LEU A 254 19.14 -16.47 -7.22
CA LEU A 254 20.51 -16.05 -7.52
C LEU A 254 20.55 -14.81 -8.38
N PRO A 255 21.43 -13.88 -8.06
CA PRO A 255 21.59 -12.77 -8.98
C PRO A 255 21.99 -13.30 -10.36
N ARG A 256 21.37 -12.80 -11.44
CA ARG A 256 21.75 -13.22 -12.77
C ARG A 256 22.41 -12.14 -13.58
N TRP A 257 21.77 -10.99 -13.59
CA TRP A 257 22.15 -9.85 -14.45
C TRP A 257 21.92 -8.62 -13.60
N GLY A 258 22.88 -7.73 -13.59
CA GLY A 258 22.65 -6.43 -12.94
C GLY A 258 23.09 -5.24 -13.74
N VAL A 259 22.56 -4.11 -13.37
CA VAL A 259 23.18 -2.84 -13.79
C VAL A 259 23.96 -2.27 -12.65
N ASP A 260 25.24 -2.10 -12.88
CA ASP A 260 26.12 -1.69 -11.80
C ASP A 260 26.08 -0.18 -11.60
N HIS A 261 26.83 0.30 -10.63
CA HIS A 261 26.80 1.72 -10.27
C HIS A 261 27.39 2.57 -11.36
N ASN A 262 28.34 2.03 -12.13
CA ASN A 262 28.90 2.69 -13.32
C ASN A 262 28.10 2.46 -14.58
N GLY A 263 26.96 1.79 -14.46
CA GLY A 263 26.07 1.59 -15.60
C GLY A 263 26.35 0.38 -16.45
N THR A 264 27.39 -0.36 -16.12
CA THR A 264 27.64 -1.62 -16.80
C THR A 264 26.46 -2.55 -16.59
N LEU A 265 25.90 -3.04 -17.69
CA LEU A 265 25.00 -4.21 -17.64
C LEU A 265 25.83 -5.46 -17.68
N MSE A 266 25.68 -6.29 -16.68
CA MSE A 266 26.55 -7.48 -16.61
C MSE A 266 25.80 -8.69 -16.13
O MSE A 266 24.84 -8.58 -15.36
CB MSE A 266 27.68 -7.15 -15.65
CG MSE A 266 27.21 -6.57 -14.34
SE MSE A 266 28.76 -5.84 -13.29
CE MSE A 266 27.75 -5.61 -11.58
N PRO A 267 26.28 -9.88 -16.53
CA PRO A 267 26.01 -11.04 -15.69
C PRO A 267 26.73 -10.98 -14.31
N MSE A 268 26.03 -11.48 -13.30
CA MSE A 268 26.46 -11.43 -11.93
C MSE A 268 27.42 -12.58 -11.57
O MSE A 268 27.67 -12.84 -10.39
CB MSE A 268 25.21 -11.45 -11.04
CG MSE A 268 24.28 -10.27 -11.36
SE MSE A 268 25.16 -8.50 -11.12
CE MSE A 268 25.92 -8.64 -9.30
N ALA A 269 27.95 -13.26 -12.58
CA ALA A 269 29.06 -14.19 -12.41
C ALA A 269 29.77 -14.36 -13.74
N ASP A 270 31.07 -14.65 -13.70
CA ASP A 270 31.87 -14.86 -14.92
C ASP A 270 31.52 -16.19 -15.63
N ASN A 271 31.59 -16.20 -16.94
CA ASN A 271 31.46 -17.43 -17.69
C ASN A 271 30.35 -18.39 -17.21
N ARG A 272 29.12 -17.93 -17.25
CA ARG A 272 28.03 -18.63 -16.62
C ARG A 272 26.66 -18.43 -17.33
N TYR A 273 26.37 -17.21 -17.78
CA TYR A 273 25.05 -16.86 -18.27
C TYR A 273 25.19 -16.35 -19.69
N ASN A 274 24.38 -16.91 -20.58
CA ASN A 274 24.35 -16.50 -21.96
C ASN A 274 23.49 -15.27 -22.16
N LEU A 275 23.79 -14.58 -23.25
CA LEU A 275 22.85 -13.63 -23.84
C LEU A 275 22.20 -14.25 -25.08
N GLY A 276 20.92 -14.50 -25.02
CA GLY A 276 20.27 -15.23 -26.11
C GLY A 276 20.37 -16.72 -25.91
N TRP A 277 19.61 -17.43 -26.73
CA TRP A 277 19.78 -18.88 -26.92
C TRP A 277 19.42 -19.27 -28.36
N GLY A 278 19.55 -20.55 -28.70
CA GLY A 278 19.46 -21.01 -30.08
C GLY A 278 18.16 -20.68 -30.77
N SER A 279 17.09 -20.71 -30.01
CA SER A 279 15.75 -20.44 -30.54
C SER A 279 15.20 -19.10 -30.06
N GLY A 280 16.05 -18.28 -29.44
CA GLY A 280 15.73 -16.88 -29.13
C GLY A 280 16.96 -16.02 -29.27
N ARG A 281 17.41 -15.83 -30.50
CA ARG A 281 18.63 -15.06 -30.76
C ARG A 281 18.34 -13.57 -30.90
N VAL A 282 19.17 -12.76 -30.28
CA VAL A 282 19.28 -11.35 -30.66
C VAL A 282 19.33 -11.20 -32.17
N LYS A 283 18.72 -10.14 -32.68
CA LYS A 283 18.62 -9.95 -34.12
C LYS A 283 19.90 -9.33 -34.64
N GLN A 284 20.28 -8.20 -34.06
CA GLN A 284 21.58 -7.65 -34.29
C GLN A 284 22.14 -7.01 -33.03
N VAL A 285 23.46 -7.01 -32.92
CA VAL A 285 24.16 -6.29 -31.83
C VAL A 285 24.80 -5.01 -32.29
N TYR A 286 24.53 -3.90 -31.64
CA TYR A 286 25.32 -2.67 -31.96
C TYR A 286 26.30 -2.31 -30.91
N ALA A 287 27.58 -2.38 -31.25
CA ALA A 287 28.64 -1.90 -30.35
C ALA A 287 29.74 -1.18 -31.11
N VAL A 288 30.44 -0.27 -30.40
CA VAL A 288 31.48 0.57 -30.98
C VAL A 288 32.70 -0.28 -31.35
N ASN A 289 33.17 -1.08 -30.41
CA ASN A 289 34.18 -2.07 -30.73
C ASN A 289 33.45 -3.28 -31.39
N GLY A 290 33.92 -3.67 -32.58
CA GLY A 290 33.34 -4.76 -33.36
C GLY A 290 33.85 -6.11 -32.93
N THR A 291 34.81 -6.09 -32.01
CA THR A 291 35.47 -7.28 -31.53
C THR A 291 35.05 -7.48 -30.08
N ILE A 292 34.47 -8.64 -29.81
CA ILE A 292 34.23 -9.09 -28.45
C ILE A 292 35.55 -9.15 -27.70
N ASN A 293 35.59 -8.58 -26.52
CA ASN A 293 36.65 -8.80 -25.60
C ASN A 293 36.38 -10.02 -24.73
N THR A 294 37.27 -11.00 -24.76
CA THR A 294 37.08 -12.28 -24.04
C THR A 294 37.80 -12.32 -22.71
N CYS B 20 -15.82 14.60 31.87
CA CYS B 20 -14.72 13.66 31.47
C CYS B 20 -15.30 12.49 30.67
N SER B 21 -15.54 11.34 31.30
CA SER B 21 -15.69 10.07 30.58
C SER B 21 -17.16 9.64 30.41
N PHE B 22 -17.44 8.86 29.37
CA PHE B 22 -18.80 8.43 29.09
CA PHE B 22 -18.82 8.39 29.10
C PHE B 22 -18.79 6.98 28.61
N GLY B 23 -19.35 6.08 29.40
CA GLY B 23 -19.21 4.64 29.17
C GLY B 23 -20.44 3.91 28.64
N ILE B 24 -20.21 2.75 28.07
CA ILE B 24 -21.18 1.68 28.04
C ILE B 24 -20.56 0.45 28.69
N GLU B 25 -21.36 -0.24 29.51
CA GLU B 25 -20.90 -1.38 30.30
C GLU B 25 -21.82 -2.57 30.05
N ASN B 26 -21.23 -3.76 30.11
CA ASN B 26 -21.96 -5.00 30.00
C ASN B 26 -21.30 -6.02 30.92
N THR B 27 -21.95 -6.23 32.07
CA THR B 27 -21.32 -6.79 33.27
C THR B 27 -21.47 -8.31 33.29
N ALA B 28 -22.42 -8.82 32.50
CA ALA B 28 -22.54 -10.26 32.21
C ALA B 28 -21.64 -10.72 31.05
N GLY B 29 -20.95 -9.78 30.39
CA GLY B 29 -19.92 -10.12 29.41
C GLY B 29 -20.47 -10.62 28.08
N GLY B 30 -21.72 -10.26 27.79
CA GLY B 30 -22.07 -9.67 26.51
C GLY B 30 -21.22 -8.48 26.08
N SER B 31 -21.41 -8.12 24.82
CA SER B 31 -20.69 -7.02 24.18
C SER B 31 -21.45 -5.73 24.40
N ALA B 32 -20.70 -4.62 24.46
CA ALA B 32 -21.28 -3.28 24.73
C ALA B 32 -21.01 -2.33 23.56
N VAL B 33 -22.03 -2.18 22.70
CA VAL B 33 -21.86 -1.58 21.37
C VAL B 33 -22.74 -0.35 21.19
N PHE B 34 -22.35 0.50 20.25
CA PHE B 34 -23.07 1.71 19.97
C PHE B 34 -23.66 1.63 18.58
N HIS B 35 -24.89 2.07 18.42
CA HIS B 35 -25.59 1.88 17.15
C HIS B 35 -26.11 3.21 16.69
N ASN B 36 -25.97 3.52 15.41
CA ASN B 36 -26.68 4.64 14.80
C ASN B 36 -27.84 4.08 13.97
N TYR B 37 -29.02 4.60 14.23
CA TYR B 37 -30.24 4.26 13.52
C TYR B 37 -30.67 5.47 12.68
N THR B 38 -31.25 5.19 11.51
CA THR B 38 -31.47 6.18 10.47
C THR B 38 -32.49 5.58 9.49
N ARG B 39 -33.38 6.42 8.95
CA ARG B 39 -34.39 5.96 7.96
C ARG B 39 -34.35 6.84 6.72
N GLY B 40 -35.11 6.43 5.70
CA GLY B 40 -35.42 7.33 4.58
C GLY B 40 -36.50 8.32 4.98
N ALA B 41 -36.78 9.27 4.10
CA ALA B 41 -37.93 10.17 4.30
C ALA B 41 -39.23 9.34 4.47
N SER B 42 -40.04 9.71 5.46
CA SER B 42 -41.40 9.16 5.62
C SER B 42 -41.37 7.64 5.81
N ASN B 43 -40.51 7.20 6.71
CA ASN B 43 -40.27 5.77 6.95
C ASN B 43 -39.95 4.95 5.70
N SER B 44 -39.44 5.60 4.65
CA SER B 44 -38.96 4.85 3.51
C SER B 44 -37.61 4.19 3.85
N VAL B 45 -37.33 3.13 3.11
CA VAL B 45 -36.05 2.46 3.13
C VAL B 45 -34.88 3.43 2.95
N THR B 46 -33.79 3.25 3.72
CA THR B 46 -32.60 4.11 3.63
C THR B 46 -31.93 4.01 2.26
N LYS B 47 -31.21 5.08 1.90
CA LYS B 47 -30.79 5.29 0.53
C LYS B 47 -29.27 5.11 0.32
N ASN B 48 -28.91 4.83 -0.93
CA ASN B 48 -27.54 4.85 -1.38
C ASN B 48 -26.82 6.14 -1.00
N ASN B 49 -25.67 6.00 -0.36
CA ASN B 49 -24.85 7.10 0.15
C ASN B 49 -25.50 7.98 1.21
N GLN B 50 -26.68 7.58 1.68
CA GLN B 50 -27.28 8.29 2.80
C GLN B 50 -26.39 8.06 4.00
N LEU B 51 -26.22 9.08 4.82
CA LEU B 51 -25.31 9.00 5.98
C LEU B 51 -26.00 8.26 7.15
N LEU B 52 -25.68 6.98 7.30
CA LEU B 52 -26.41 6.12 8.21
C LEU B 52 -25.98 6.33 9.66
N GLY B 53 -24.83 6.98 9.85
CA GLY B 53 -24.40 7.41 11.18
C GLY B 53 -22.95 7.89 11.21
N GLY B 54 -22.46 8.35 12.35
CA GLY B 54 -21.29 9.21 12.36
C GLY B 54 -20.80 9.57 13.74
N TYR B 55 -19.50 9.77 13.86
CA TYR B 55 -18.89 10.18 15.09
C TYR B 55 -17.78 11.13 14.70
N GLY B 56 -17.58 12.20 15.47
CA GLY B 56 -17.01 13.43 14.93
C GLY B 56 -16.60 14.38 16.03
N SER B 57 -15.36 14.83 16.01
CA SER B 57 -14.91 15.95 16.86
C SER B 57 -15.41 17.27 16.27
N ARG B 58 -16.02 18.07 17.12
CA ARG B 58 -16.19 19.49 16.87
C ARG B 58 -15.34 20.28 17.85
N PRO B 59 -14.49 21.16 17.33
CA PRO B 59 -13.61 21.89 18.21
C PRO B 59 -14.07 23.33 18.42
N TRP B 60 -13.42 23.98 19.37
CA TRP B 60 -13.90 25.21 19.98
C TRP B 60 -13.15 26.41 19.37
N LEU B 61 -13.91 27.35 18.83
CA LEU B 61 -13.38 28.52 18.13
C LEU B 61 -12.96 29.67 19.06
N GLY B 62 -13.48 29.69 20.29
CA GLY B 62 -13.35 30.84 21.17
C GLY B 62 -14.61 31.05 21.98
N SER B 63 -15.75 31.08 21.28
CA SER B 63 -17.06 31.08 21.92
C SER B 63 -18.08 30.08 21.35
N THR B 64 -17.76 29.44 20.23
CA THR B 64 -18.62 28.37 19.68
C THR B 64 -17.84 27.12 19.28
N TYR B 65 -18.58 26.10 18.87
CA TYR B 65 -18.02 24.99 18.11
C TYR B 65 -18.19 25.18 16.61
N THR B 66 -17.31 24.52 15.85
CA THR B 66 -17.47 24.41 14.40
C THR B 66 -18.83 23.84 14.10
N GLU B 67 -19.38 24.18 12.93
CA GLU B 67 -20.74 23.78 12.60
C GLU B 67 -20.88 22.27 12.37
N HIS B 68 -19.90 21.68 11.70
CA HIS B 68 -19.79 20.23 11.57
C HIS B 68 -18.46 19.81 12.14
N SER B 69 -18.26 18.49 12.21
CA SER B 69 -17.00 17.92 12.69
C SER B 69 -15.84 18.16 11.73
N ASN B 70 -14.65 18.31 12.30
CA ASN B 70 -13.45 18.52 11.52
C ASN B 70 -12.67 17.22 11.29
N ALA B 71 -13.05 16.20 12.05
CA ALA B 71 -12.57 14.84 11.84
C ALA B 71 -13.68 13.89 12.23
N ALA B 72 -13.88 12.84 11.47
CA ALA B 72 -15.13 12.07 11.59
C ALA B 72 -15.00 10.65 11.04
N LEU B 73 -15.76 9.75 11.59
CA LEU B 73 -16.04 8.46 10.98
C LEU B 73 -17.48 8.46 10.46
N HIS B 74 -17.69 8.16 9.19
CA HIS B 74 -19.03 8.12 8.63
C HIS B 74 -19.31 6.73 8.22
N PHE B 75 -20.52 6.25 8.53
CA PHE B 75 -21.13 5.08 7.86
C PHE B 75 -22.15 5.53 6.83
N LEU B 76 -22.06 4.97 5.62
CA LEU B 76 -22.95 5.35 4.51
C LEU B 76 -23.53 4.13 3.89
N GLY B 77 -24.69 4.30 3.25
CA GLY B 77 -25.34 3.24 2.50
C GLY B 77 -24.67 3.03 1.15
N ALA B 78 -24.57 1.78 0.74
CA ALA B 78 -24.24 1.41 -0.61
C ALA B 78 -25.45 0.72 -1.22
N GLY B 79 -26.10 1.40 -2.17
CA GLY B 79 -27.41 0.99 -2.64
C GLY B 79 -28.54 1.35 -1.69
N ASP B 80 -29.70 1.68 -2.25
CA ASP B 80 -30.92 1.71 -1.48
C ASP B 80 -31.11 0.37 -0.77
N THR B 81 -31.34 0.46 0.55
CA THR B 81 -31.55 -0.69 1.40
C THR B 81 -32.86 -1.44 1.04
N SER B 82 -32.90 -2.73 1.32
CA SER B 82 -33.91 -3.65 0.76
C SER B 82 -33.66 -5.01 1.39
N ALA B 83 -34.49 -6.00 1.07
CA ALA B 83 -34.36 -7.32 1.71
C ALA B 83 -33.16 -8.08 1.18
N THR B 84 -32.67 -7.65 0.01
CA THR B 84 -31.53 -8.29 -0.64
C THR B 84 -30.29 -7.40 -0.68
N ASN B 85 -30.40 -6.19 -0.13
CA ASN B 85 -29.26 -5.28 -0.05
C ASN B 85 -29.18 -4.59 1.28
N HIS B 86 -28.22 -5.00 2.11
CA HIS B 86 -27.88 -4.23 3.30
C HIS B 86 -26.57 -3.47 3.11
N GLY B 87 -26.36 -2.99 1.90
CA GLY B 87 -25.06 -2.48 1.52
C GLY B 87 -24.64 -1.30 2.41
N GLY B 88 -23.40 -1.30 2.85
CA GLY B 88 -22.83 -0.18 3.60
C GLY B 88 -21.31 -0.05 3.46
N TRP B 89 -20.84 1.19 3.64
CA TRP B 89 -19.42 1.51 3.56
C TRP B 89 -19.04 2.58 4.56
N ILE B 90 -17.74 2.88 4.66
CA ILE B 90 -17.18 3.67 5.74
C ILE B 90 -16.30 4.70 5.12
N ARG B 91 -16.22 5.89 5.70
CA ARG B 91 -15.10 6.76 5.40
C ARG B 91 -14.65 7.60 6.59
N LEU B 92 -13.43 8.05 6.53
CA LEU B 92 -12.85 8.87 7.61
C LEU B 92 -12.48 10.20 7.04
N LEU B 93 -12.95 11.25 7.69
CA LEU B 93 -12.75 12.60 7.22
C LEU B 93 -11.74 13.33 8.13
N VAL B 94 -10.86 14.11 7.52
CA VAL B 94 -9.88 14.95 8.22
C VAL B 94 -9.98 16.38 7.67
N THR B 95 -9.34 17.34 8.33
CA THR B 95 -9.36 18.75 7.87
C THR B 95 -7.94 19.28 7.88
N PRO B 96 -7.45 19.78 6.73
CA PRO B 96 -6.01 20.09 6.70
C PRO B 96 -5.68 21.37 7.48
N LYS B 97 -4.59 21.35 8.25
CA LYS B 97 -4.10 22.55 8.92
C LYS B 97 -4.14 23.78 8.01
N GLY B 98 -4.75 24.86 8.49
CA GLY B 98 -4.92 26.07 7.69
C GLY B 98 -6.11 26.08 6.75
N LYS B 99 -7.00 25.11 6.87
CA LYS B 99 -8.32 25.22 6.22
C LYS B 99 -9.48 25.00 7.18
N THR B 100 -10.65 25.47 6.77
CA THR B 100 -11.86 25.28 7.52
C THR B 100 -12.55 23.99 7.10
N ILE B 101 -13.59 23.63 7.83
CA ILE B 101 -14.26 22.37 7.63
C ILE B 101 -15.03 22.35 6.32
N SER B 102 -15.23 23.53 5.71
CA SER B 102 -15.61 23.63 4.30
C SER B 102 -14.77 22.74 3.40
N ASP B 103 -13.45 22.74 3.63
CA ASP B 103 -12.52 21.98 2.80
C ASP B 103 -11.99 20.72 3.50
N ARG B 104 -12.84 20.12 4.33
CA ARG B 104 -12.54 18.79 4.86
C ARG B 104 -12.64 17.67 3.81
N VAL B 105 -11.86 16.62 4.05
CA VAL B 105 -11.38 15.73 3.03
C VAL B 105 -11.72 14.31 3.48
N PRO B 106 -12.62 13.63 2.75
CA PRO B 106 -12.83 12.21 3.04
C PRO B 106 -11.70 11.33 2.50
N ALA B 107 -10.57 11.36 3.20
CA ALA B 107 -9.33 10.83 2.64
C ALA B 107 -9.23 9.31 2.71
N PHE B 108 -10.01 8.69 3.58
CA PHE B 108 -9.95 7.26 3.77
C PHE B 108 -11.30 6.72 3.43
N ARG B 109 -11.39 5.87 2.41
CA ARG B 109 -12.70 5.29 2.06
C ARG B 109 -12.63 3.79 2.02
N LEU B 110 -13.40 3.16 2.88
CA LEU B 110 -13.47 1.73 2.85
C LEU B 110 -14.72 1.27 2.10
N SER B 111 -14.53 0.82 0.88
CA SER B 111 -15.62 0.57 0.00
C SER B 111 -16.50 -0.57 0.48
N ASP B 112 -17.78 -0.56 0.10
CA ASP B 112 -18.65 -1.73 0.34
C ASP B 112 -18.06 -3.01 -0.18
N ASN B 113 -17.29 -2.95 -1.28
CA ASN B 113 -16.63 -4.13 -1.80
C ASN B 113 -15.42 -4.54 -1.01
N GLY B 114 -14.89 -3.63 -0.20
CA GLY B 114 -13.84 -3.94 0.74
C GLY B 114 -12.53 -3.31 0.32
N ASP B 115 -12.48 -2.70 -0.86
CA ASP B 115 -11.27 -1.94 -1.26
C ASP B 115 -11.03 -0.81 -0.30
N LEU B 116 -9.78 -0.44 -0.12
CA LEU B 116 -9.42 0.81 0.54
C LEU B 116 -9.01 1.82 -0.50
N TRP B 117 -9.74 2.93 -0.52
CA TRP B 117 -9.33 4.07 -1.33
C TRP B 117 -8.70 5.13 -0.46
N LEU B 118 -7.58 5.63 -0.92
CA LEU B 118 -6.81 6.61 -0.20
C LEU B 118 -6.71 7.89 -1.03
N VAL B 119 -7.40 8.96 -0.62
CA VAL B 119 -7.60 10.13 -1.47
C VAL B 119 -7.21 11.40 -0.73
N PRO B 120 -5.93 11.74 -0.71
CA PRO B 120 -5.51 12.94 0.09
C PRO B 120 -6.01 14.28 -0.43
N ASP B 121 -5.76 15.32 0.34
CA ASP B 121 -6.07 16.69 -0.09
C ASP B 121 -5.46 16.97 -1.45
N GLY B 122 -6.27 17.55 -2.34
CA GLY B 122 -5.82 17.95 -3.67
C GLY B 122 -6.31 17.00 -4.76
N ALA B 123 -6.81 15.84 -4.37
CA ALA B 123 -6.82 14.74 -5.27
C ALA B 123 -8.18 14.67 -5.98
N MSE B 124 -9.25 14.78 -5.18
CA MSE B 124 -10.62 14.75 -5.66
C MSE B 124 -11.35 15.94 -5.13
O MSE B 124 -11.19 16.30 -3.96
CB MSE B 124 -11.37 13.56 -5.14
CG MSE B 124 -10.96 12.35 -5.96
SE MSE B 124 -12.23 10.88 -5.69
CE MSE B 124 -10.98 9.41 -5.99
N HIS B 125 -12.17 16.54 -5.97
CA HIS B 125 -13.13 17.53 -5.51
C HIS B 125 -14.12 16.92 -4.55
N SER B 126 -14.55 17.75 -3.60
CA SER B 126 -15.49 17.30 -2.61
C SER B 126 -16.87 16.89 -3.20
N ASP B 127 -17.24 17.32 -4.39
CA ASP B 127 -18.37 16.69 -5.14
C ASP B 127 -18.24 15.19 -5.41
N LEU B 128 -17.02 14.67 -5.31
CA LEU B 128 -16.75 13.26 -5.50
C LEU B 128 -16.44 12.64 -4.17
N GLY B 129 -16.97 13.23 -3.11
CA GLY B 129 -16.69 12.77 -1.76
C GLY B 129 -17.29 11.41 -1.54
N LEU B 130 -18.32 11.06 -2.32
CA LEU B 130 -19.07 9.83 -2.16
C LEU B 130 -18.64 8.76 -3.15
N VAL B 131 -17.73 9.08 -4.03
CA VAL B 131 -17.06 8.05 -4.79
C VAL B 131 -16.37 6.98 -3.93
N ARG B 132 -16.74 5.72 -4.20
CA ARG B 132 -16.27 4.57 -3.41
C ARG B 132 -15.73 3.37 -4.21
N SER B 133 -15.77 3.45 -5.53
CA SER B 133 -15.36 2.35 -6.39
C SER B 133 -14.96 2.96 -7.70
N ILE B 134 -14.25 2.21 -8.51
CA ILE B 134 -14.14 2.56 -9.93
C ILE B 134 -15.52 2.70 -10.62
N GLU B 135 -16.44 1.79 -10.32
CA GLU B 135 -17.79 1.90 -10.89
C GLU B 135 -18.39 3.28 -10.65
N THR B 136 -18.31 3.77 -9.43
CA THR B 136 -18.97 5.03 -9.08
C THR B 136 -18.16 6.22 -9.58
N LEU B 137 -16.85 6.05 -9.64
CA LEU B 137 -15.98 7.11 -10.18
C LEU B 137 -16.26 7.29 -11.67
N ASN B 138 -16.48 6.17 -12.35
CA ASN B 138 -16.84 6.17 -13.78
C ASN B 138 -18.15 6.91 -14.03
N ALA B 139 -19.08 6.70 -13.10
CA ALA B 139 -20.36 7.37 -13.11
C ALA B 139 -20.24 8.87 -12.95
N ALA B 140 -19.45 9.32 -11.99
CA ALA B 140 -19.38 10.73 -11.66
C ALA B 140 -18.51 11.47 -12.62
N VAL B 141 -17.59 10.75 -13.28
CA VAL B 141 -16.61 11.37 -14.17
C VAL B 141 -16.60 10.60 -15.46
N PRO B 142 -17.60 10.82 -16.33
CA PRO B 142 -17.91 9.85 -17.40
C PRO B 142 -16.74 9.61 -18.35
N ARG B 143 -15.80 10.57 -18.41
CA ARG B 143 -14.59 10.44 -19.21
C ARG B 143 -13.51 9.56 -18.58
N PHE B 144 -13.69 9.19 -17.32
CA PHE B 144 -12.74 8.25 -16.69
C PHE B 144 -12.60 6.90 -17.36
N ASN B 145 -13.66 6.09 -17.36
CA ASN B 145 -13.64 4.79 -18.01
C ASN B 145 -12.43 4.00 -17.62
N ALA B 146 -12.41 3.61 -16.36
CA ALA B 146 -11.39 2.68 -15.90
C ALA B 146 -12.06 1.30 -15.72
N PRO B 147 -11.26 0.22 -15.68
CA PRO B 147 -11.85 -1.09 -15.74
C PRO B 147 -12.42 -1.47 -14.38
N SER B 148 -13.73 -1.57 -14.29
CA SER B 148 -14.38 -1.87 -13.00
C SER B 148 -14.13 -3.32 -12.51
N ILE B 149 -13.46 -4.13 -13.32
CA ILE B 149 -13.07 -5.47 -12.94
C ILE B 149 -11.96 -5.36 -11.88
N GLN B 150 -11.31 -4.20 -11.83
CA GLN B 150 -10.31 -3.93 -10.80
C GLN B 150 -10.87 -3.61 -9.43
N ASP B 151 -12.18 -3.42 -9.33
CA ASP B 151 -12.81 -3.27 -8.00
C ASP B 151 -12.80 -4.53 -7.17
N GLY B 152 -12.52 -4.34 -5.88
CA GLY B 152 -12.37 -5.45 -4.96
C GLY B 152 -10.99 -6.07 -4.83
N ARG B 153 -9.98 -5.45 -5.45
CA ARG B 153 -8.60 -5.99 -5.52
C ARG B 153 -7.61 -5.39 -4.49
N GLY B 154 -8.02 -4.36 -3.79
CA GLY B 154 -7.33 -3.94 -2.59
C GLY B 154 -7.22 -2.44 -2.58
N LEU B 155 -6.01 -1.94 -2.79
CA LEU B 155 -5.67 -0.56 -2.36
C LEU B 155 -5.61 0.31 -3.57
N LYS B 156 -6.38 1.38 -3.56
CA LYS B 156 -6.29 2.39 -4.63
C LYS B 156 -5.87 3.68 -4.03
N ILE B 157 -4.81 4.24 -4.59
CA ILE B 157 -4.32 5.56 -4.11
C ILE B 157 -4.53 6.60 -5.19
N VAL B 158 -5.18 7.72 -4.84
CA VAL B 158 -5.37 8.82 -5.75
C VAL B 158 -4.76 10.08 -5.17
N ALA B 159 -3.79 10.65 -5.90
CA ALA B 159 -3.17 11.92 -5.55
C ALA B 159 -2.91 12.74 -6.82
N PRO B 160 -2.95 14.09 -6.70
CA PRO B 160 -2.60 14.83 -7.89
C PRO B 160 -1.18 14.55 -8.25
N GLN B 161 -0.99 14.11 -9.50
CA GLN B 161 0.33 13.85 -10.12
C GLN B 161 1.06 12.59 -9.65
N ALA B 162 1.33 12.53 -8.35
CA ALA B 162 2.46 11.75 -7.80
C ALA B 162 1.92 10.92 -6.63
N PRO B 163 0.96 10.02 -6.90
CA PRO B 163 0.58 9.12 -5.87
C PRO B 163 1.69 8.18 -5.55
N GLU B 164 1.87 7.91 -4.27
CA GLU B 164 3.16 7.46 -3.82
C GLU B 164 3.03 6.50 -2.65
N ILE B 165 3.84 5.44 -2.68
CA ILE B 165 4.03 4.68 -1.47
C ILE B 165 5.41 4.88 -0.91
N ASP B 166 5.51 5.26 0.34
CA ASP B 166 6.88 5.47 0.95
C ASP B 166 7.20 4.36 1.95
N LEU B 167 8.35 3.72 1.77
CA LEU B 167 8.77 2.64 2.65
C LEU B 167 9.98 2.99 3.51
N ILE B 168 9.73 3.43 4.74
CA ILE B 168 10.79 4.05 5.52
C ILE B 168 11.48 3.04 6.46
N ALA B 169 12.77 2.84 6.24
CA ALA B 169 13.45 1.60 6.62
C ALA B 169 14.76 1.83 7.48
N PRO B 170 14.60 2.27 8.75
CA PRO B 170 15.82 2.46 9.59
C PRO B 170 16.53 1.15 9.84
N ARG B 171 17.85 1.15 9.68
CA ARG B 171 18.64 -0.06 9.89
C ARG B 171 18.40 -0.73 11.27
N GLY B 172 18.20 0.08 12.31
CA GLY B 172 18.84 -0.17 13.62
C GLY B 172 20.07 -1.06 13.58
N SER B 173 19.93 -2.30 14.00
CA SER B 173 21.09 -3.15 14.21
C SER B 173 21.29 -4.18 13.10
N GLY B 174 20.37 -4.24 12.13
CA GLY B 174 20.48 -5.22 11.03
C GLY B 174 20.70 -4.58 9.67
N ALA B 175 19.72 -4.72 8.78
CA ALA B 175 19.85 -4.23 7.41
C ALA B 175 18.54 -3.54 6.99
N SER B 176 18.69 -2.36 6.36
CA SER B 176 17.61 -1.68 5.64
C SER B 176 17.14 -2.51 4.46
N ALA B 177 16.02 -3.21 4.62
CA ALA B 177 15.50 -4.17 3.60
C ALA B 177 14.02 -3.98 3.29
N PRO B 178 13.62 -2.76 2.97
CA PRO B 178 12.23 -2.60 2.53
C PRO B 178 11.88 -3.51 1.38
N ALA B 179 10.66 -3.93 1.30
CA ALA B 179 10.37 -4.92 0.22
C ALA B 179 8.94 -4.91 -0.27
N ILE B 180 8.79 -5.24 -1.53
CA ILE B 180 7.40 -5.49 -2.01
C ILE B 180 7.32 -6.91 -2.43
N ARG B 181 6.45 -7.64 -1.74
CA ARG B 181 6.53 -9.10 -1.75
C ARG B 181 5.24 -9.69 -2.25
N ALA B 182 5.24 -10.26 -3.43
CA ALA B 182 4.07 -11.06 -3.88
C ALA B 182 4.15 -12.45 -3.27
N MSE B 183 2.98 -13.07 -3.05
CA MSE B 183 2.90 -14.35 -2.35
C MSE B 183 1.91 -15.19 -3.06
O MSE B 183 0.70 -15.14 -2.83
CB MSE B 183 2.55 -14.12 -0.90
CG MSE B 183 3.82 -13.73 -0.13
SE MSE B 183 3.31 -13.17 1.67
CE MSE B 183 3.08 -14.93 2.54
N TRP B 184 2.46 -15.94 -3.99
CA TRP B 184 1.74 -16.90 -4.78
C TRP B 184 1.39 -18.16 -4.00
N CYS B 185 0.18 -18.68 -4.20
CA CYS B 185 -0.16 -20.06 -3.80
C CYS B 185 -1.35 -20.60 -4.58
N ASP B 186 -1.50 -21.93 -4.54
CA ASP B 186 -2.67 -22.58 -5.07
C ASP B 186 -3.70 -22.54 -4.00
N GLY B 187 -4.96 -22.65 -4.41
CA GLY B 187 -6.04 -22.86 -3.47
C GLY B 187 -6.74 -21.56 -3.17
N SER B 188 -7.42 -21.48 -2.04
CA SER B 188 -8.37 -20.40 -1.78
C SER B 188 -8.67 -20.32 -0.31
N LEU B 189 -8.76 -19.10 0.22
CA LEU B 189 -9.17 -18.87 1.58
C LEU B 189 -10.63 -18.48 1.71
N ALA B 190 -11.35 -18.51 0.58
CA ALA B 190 -12.68 -17.94 0.51
C ALA B 190 -13.71 -18.96 0.95
N ASP B 191 -13.40 -20.24 0.77
CA ASP B 191 -14.36 -21.34 1.07
C ASP B 191 -14.10 -21.98 2.44
N THR B 192 -14.86 -23.05 2.74
CA THR B 192 -14.70 -23.81 4.00
C THR B 192 -13.58 -24.83 3.91
N THR B 193 -13.37 -25.39 2.72
CA THR B 193 -12.30 -26.36 2.47
C THR B 193 -10.91 -25.81 2.87
N ARG B 194 -10.59 -24.64 2.33
CA ARG B 194 -9.35 -23.93 2.60
C ARG B 194 -8.12 -24.72 2.24
N TYR B 195 -8.18 -25.37 1.09
CA TYR B 195 -6.96 -25.96 0.57
C TYR B 195 -6.03 -24.82 0.25
N ILE B 196 -4.78 -24.93 0.71
CA ILE B 196 -3.69 -24.16 0.18
C ILE B 196 -2.64 -25.13 -0.35
N GLY B 197 -1.99 -24.74 -1.44
CA GLY B 197 -1.14 -25.65 -2.20
C GLY B 197 -0.03 -24.93 -2.96
N ALA B 198 0.69 -25.67 -3.79
CA ALA B 198 1.94 -25.18 -4.34
C ALA B 198 1.68 -24.19 -5.47
N THR B 199 2.52 -23.18 -5.54
CA THR B 199 2.50 -22.19 -6.59
C THR B 199 2.39 -22.83 -7.96
N GLN B 200 1.46 -22.33 -8.77
CA GLN B 200 1.13 -22.96 -10.03
C GLN B 200 1.86 -22.29 -11.18
N PRO B 201 1.82 -22.91 -12.36
CA PRO B 201 2.40 -22.20 -13.50
C PRO B 201 1.47 -21.09 -13.95
N GLY B 202 2.01 -20.11 -14.66
CA GLY B 202 1.29 -18.86 -14.99
C GLY B 202 0.86 -17.99 -13.84
N SER B 203 1.35 -18.29 -12.64
CA SER B 203 1.59 -17.28 -11.59
C SER B 203 2.44 -16.15 -12.10
N THR B 204 2.06 -14.90 -11.78
CA THR B 204 2.77 -13.67 -12.20
C THR B 204 2.71 -12.61 -11.12
N PHE B 205 3.70 -11.72 -11.13
CA PHE B 205 3.68 -10.53 -10.27
C PHE B 205 4.10 -9.39 -11.16
N TYR B 206 3.13 -8.62 -11.62
CA TYR B 206 3.38 -7.50 -12.54
C TYR B 206 3.52 -6.19 -11.81
N ILE B 207 4.55 -5.45 -12.13
CA ILE B 207 4.64 -4.06 -11.71
C ILE B 207 4.69 -3.23 -12.98
N GLY B 208 3.67 -2.40 -13.20
CA GLY B 208 3.60 -1.69 -14.48
C GLY B 208 2.51 -0.68 -14.53
N ALA B 209 2.36 -0.08 -15.69
CA ALA B 209 1.63 1.19 -15.82
C ALA B 209 0.54 0.94 -16.84
N SER B 210 -0.70 1.06 -16.38
CA SER B 210 -1.84 1.42 -17.22
C SER B 210 -1.91 2.92 -17.52
N GLY B 211 -2.79 3.31 -18.42
CA GLY B 211 -3.07 4.73 -18.62
C GLY B 211 -4.22 5.04 -19.56
N HIS B 212 -4.77 6.25 -19.48
CA HIS B 212 -5.80 6.69 -20.38
C HIS B 212 -5.22 6.83 -21.75
N ASP B 213 -5.91 6.26 -22.74
CA ASP B 213 -5.53 6.42 -24.15
C ASP B 213 -6.30 7.56 -24.85
N GLY B 214 -7.10 8.30 -24.07
CA GLY B 214 -7.97 9.32 -24.59
C GLY B 214 -9.42 8.87 -24.66
N GLU B 215 -9.64 7.54 -24.67
CA GLU B 215 -10.97 6.89 -24.52
C GLU B 215 -11.12 6.26 -23.13
N LYS B 216 -10.10 5.53 -22.69
CA LYS B 216 -10.24 4.69 -21.51
C LYS B 216 -8.91 4.25 -20.94
N PHE B 217 -8.96 3.72 -19.74
CA PHE B 217 -7.85 2.93 -19.22
C PHE B 217 -8.12 1.51 -19.61
N ASP B 218 -7.06 0.73 -19.71
CA ASP B 218 -7.18 -0.68 -20.01
C ASP B 218 -6.03 -1.42 -19.35
N SER B 219 -5.32 -2.28 -20.08
CA SER B 219 -4.35 -3.17 -19.51
C SER B 219 -3.04 -2.40 -19.42
N MSE B 220 -2.07 -2.94 -18.68
CA MSE B 220 -0.78 -2.31 -18.55
C MSE B 220 -0.08 -2.40 -19.86
O MSE B 220 -0.26 -3.36 -20.60
CB MSE B 220 0.12 -3.06 -17.58
CG MSE B 220 -0.24 -2.78 -16.13
SE MSE B 220 0.89 -3.92 -14.99
CE MSE B 220 -0.22 -3.89 -13.40
N ARG B 221 0.73 -1.39 -20.17
CA ARG B 221 1.38 -1.35 -21.49
C ARG B 221 2.88 -1.36 -21.43
N GLY B 222 3.41 -1.13 -20.23
CA GLY B 222 4.83 -1.37 -19.93
C GLY B 222 4.92 -1.93 -18.55
N SER B 223 5.79 -2.92 -18.38
CA SER B 223 5.85 -3.62 -17.10
C SER B 223 7.23 -4.28 -16.86
N VAL B 224 7.55 -4.49 -15.59
CA VAL B 224 8.41 -5.60 -15.17
C VAL B 224 7.52 -6.66 -14.59
N ALA B 225 7.72 -7.93 -14.91
CA ALA B 225 6.98 -9.01 -14.21
C ALA B 225 7.93 -10.06 -13.69
N ILE B 226 7.67 -10.52 -12.47
CA ILE B 226 8.23 -11.76 -11.96
C ILE B 226 7.22 -12.90 -12.18
N LYS B 227 7.67 -13.98 -12.83
CA LYS B 227 6.79 -15.11 -13.15
C LYS B 227 7.33 -16.41 -12.59
N SER B 228 6.44 -17.30 -12.16
CA SER B 228 6.74 -18.73 -12.08
C SER B 228 7.12 -19.21 -13.46
N ALA B 229 8.21 -19.95 -13.55
CA ALA B 229 8.52 -20.65 -14.79
C ALA B 229 8.44 -22.16 -14.60
N GLY B 230 7.24 -22.64 -14.38
CA GLY B 230 7.06 -23.94 -13.77
C GLY B 230 6.11 -23.85 -12.59
N GLY B 231 5.42 -24.96 -12.38
CA GLY B 231 4.95 -25.30 -11.07
C GLY B 231 6.08 -25.54 -10.11
N TRP B 232 5.76 -25.33 -8.85
CA TRP B 232 6.74 -25.41 -7.79
C TRP B 232 6.53 -26.71 -7.02
N GLY B 233 7.62 -27.19 -6.43
CA GLY B 233 7.59 -28.14 -5.35
C GLY B 233 8.71 -27.72 -4.41
N PRO B 234 8.90 -28.49 -3.33
CA PRO B 234 9.76 -28.04 -2.20
C PRO B 234 11.25 -27.95 -2.48
N THR B 235 11.70 -28.51 -3.60
CA THR B 235 13.08 -28.33 -4.10
C THR B 235 13.24 -27.74 -5.49
N SER B 236 12.13 -27.40 -6.14
CA SER B 236 12.20 -26.64 -7.38
C SER B 236 11.21 -25.50 -7.37
N THR B 237 11.72 -24.26 -7.32
CA THR B 237 10.87 -23.07 -7.39
C THR B 237 11.30 -22.07 -8.47
N PRO B 238 11.21 -22.49 -9.76
CA PRO B 238 11.75 -21.69 -10.86
C PRO B 238 11.02 -20.35 -10.98
N THR B 239 11.77 -19.31 -11.32
CA THR B 239 11.21 -18.01 -11.64
C THR B 239 11.88 -17.49 -12.92
N GLN B 240 11.18 -16.60 -13.62
CA GLN B 240 11.83 -15.67 -14.53
C GLN B 240 11.49 -14.21 -14.24
N VAL B 241 12.29 -13.30 -14.77
CA VAL B 241 11.91 -11.85 -14.78
C VAL B 241 11.81 -11.31 -16.19
N VAL B 242 10.70 -10.65 -16.51
CA VAL B 242 10.40 -10.28 -17.91
C VAL B 242 10.12 -8.80 -18.04
N LEU B 243 10.67 -8.19 -19.07
CA LEU B 243 10.35 -6.77 -19.32
C LEU B 243 9.47 -6.59 -20.55
N GLU B 244 8.40 -5.81 -20.40
CA GLU B 244 7.41 -5.65 -21.44
C GLU B 244 7.27 -4.17 -21.86
N THR B 245 7.23 -3.94 -23.17
CA THR B 245 6.84 -2.64 -23.69
C THR B 245 5.77 -2.78 -24.75
N CYS B 246 5.27 -1.62 -25.17
CA CYS B 246 4.31 -1.52 -26.23
C CYS B 246 4.97 -0.67 -27.29
N GLU B 247 4.78 -1.00 -28.56
CA GLU B 247 5.42 -0.25 -29.63
C GLU B 247 4.48 0.88 -29.95
N SER B 248 5.03 2.07 -30.10
CA SER B 248 4.45 3.09 -30.93
C SER B 248 3.64 2.56 -32.12
N GLY B 249 2.39 2.99 -32.22
CA GLY B 249 1.51 2.53 -33.27
C GLY B 249 0.85 1.22 -32.95
N SER B 250 1.25 0.57 -31.85
CA SER B 250 0.54 -0.61 -31.28
C SER B 250 -0.16 -0.36 -29.91
N ILE B 251 -1.02 -1.27 -29.50
CA ILE B 251 -1.60 -1.29 -28.12
C ILE B 251 -1.39 -2.64 -27.45
N SER B 252 -0.41 -3.37 -27.97
CA SER B 252 -0.08 -4.68 -27.46
C SER B 252 1.21 -4.57 -26.63
N ARG B 253 1.09 -4.83 -25.34
CA ARG B 253 2.23 -5.01 -24.49
C ARG B 253 2.86 -6.37 -24.73
N LEU B 254 4.16 -6.36 -25.03
CA LEU B 254 4.82 -7.57 -25.43
C LEU B 254 6.06 -7.83 -24.61
N PRO B 255 6.28 -9.10 -24.24
CA PRO B 255 7.57 -9.40 -23.62
C PRO B 255 8.69 -9.06 -24.58
N ARG B 256 9.74 -8.36 -24.11
CA ARG B 256 10.87 -8.03 -24.99
C ARG B 256 12.12 -8.76 -24.64
N TRP B 257 12.43 -8.76 -23.37
CA TRP B 257 13.71 -9.28 -22.84
C TRP B 257 13.32 -9.92 -21.53
N GLY B 258 13.82 -11.11 -21.28
CA GLY B 258 13.71 -11.64 -19.93
C GLY B 258 15.00 -12.21 -19.37
N VAL B 259 14.98 -12.40 -18.06
CA VAL B 259 15.96 -13.26 -17.46
C VAL B 259 15.29 -14.54 -17.10
N ASP B 260 15.81 -15.63 -17.66
CA ASP B 260 15.15 -16.92 -17.50
C ASP B 260 15.57 -17.56 -16.17
N HIS B 261 15.01 -18.73 -15.90
CA HIS B 261 15.24 -19.38 -14.63
C HIS B 261 16.67 -19.84 -14.51
N ASN B 262 17.29 -20.17 -15.64
CA ASN B 262 18.74 -20.52 -15.69
C ASN B 262 19.65 -19.32 -15.74
N GLY B 263 19.07 -18.12 -15.63
CA GLY B 263 19.83 -16.90 -15.68
C GLY B 263 20.17 -16.36 -17.06
N THR B 264 19.79 -17.06 -18.12
CA THR B 264 19.96 -16.54 -19.44
C THR B 264 19.21 -15.22 -19.53
N LEU B 265 19.92 -14.16 -19.95
CA LEU B 265 19.30 -12.95 -20.47
C LEU B 265 18.96 -13.13 -21.92
N MSE B 266 17.71 -12.97 -22.27
CA MSE B 266 17.34 -13.24 -23.66
C MSE B 266 16.30 -12.29 -24.17
O MSE B 266 15.47 -11.79 -23.41
CB MSE B 266 16.81 -14.67 -23.75
CG MSE B 266 15.74 -14.91 -22.69
SE MSE B 266 15.30 -16.79 -22.62
CE MSE B 266 13.71 -16.71 -21.46
N PRO B 267 16.29 -12.05 -25.48
CA PRO B 267 15.03 -11.60 -26.09
C PRO B 267 13.93 -12.65 -26.06
N MSE B 268 12.71 -12.18 -25.89
CA MSE B 268 11.54 -13.07 -25.72
C MSE B 268 10.92 -13.49 -27.05
O MSE B 268 9.81 -13.97 -27.10
CB MSE B 268 10.52 -12.34 -24.87
CG MSE B 268 11.12 -11.92 -23.52
SE MSE B 268 11.75 -13.47 -22.44
CE MSE B 268 10.16 -14.65 -22.52
N ALA B 269 11.68 -13.32 -28.13
CA ALA B 269 11.33 -13.90 -29.41
C ALA B 269 12.59 -13.94 -30.26
N ASP B 270 12.68 -14.93 -31.12
CA ASP B 270 13.87 -15.11 -31.95
C ASP B 270 13.93 -14.08 -33.05
N ASN B 271 15.15 -13.67 -33.40
CA ASN B 271 15.36 -12.81 -34.55
C ASN B 271 14.38 -11.63 -34.69
N ARG B 272 14.40 -10.73 -33.71
CA ARG B 272 13.37 -9.71 -33.60
C ARG B 272 13.86 -8.41 -32.91
N TYR B 273 14.70 -8.52 -31.88
CA TYR B 273 15.00 -7.38 -31.04
C TYR B 273 16.48 -7.20 -30.99
N ASN B 274 16.94 -6.00 -31.24
CA ASN B 274 18.35 -5.68 -31.22
C ASN B 274 18.85 -5.40 -29.86
N LEU B 275 20.15 -5.52 -29.71
CA LEU B 275 20.83 -4.94 -28.56
C LEU B 275 21.61 -3.77 -29.01
N GLY B 276 21.23 -2.60 -28.56
CA GLY B 276 21.86 -1.38 -29.07
C GLY B 276 21.16 -0.91 -30.32
N TRP B 277 21.50 0.32 -30.71
CA TRP B 277 21.15 0.86 -32.03
C TRP B 277 22.26 1.84 -32.48
N GLY B 278 22.13 2.40 -33.68
CA GLY B 278 23.21 3.13 -34.31
C GLY B 278 23.75 4.28 -33.48
N SER B 279 22.88 4.95 -32.76
CA SER B 279 23.26 6.13 -32.00
C SER B 279 23.21 5.85 -30.49
N GLY B 280 23.07 4.58 -30.12
CA GLY B 280 23.23 4.13 -28.75
C GLY B 280 23.87 2.76 -28.75
N ARG B 281 25.12 2.71 -29.14
CA ARG B 281 25.85 1.47 -29.20
C ARG B 281 26.48 1.16 -27.83
N VAL B 282 26.39 -0.10 -27.45
CA VAL B 282 27.28 -0.65 -26.40
C VAL B 282 28.72 -0.24 -26.68
N LYS B 283 29.48 0.02 -25.62
CA LYS B 283 30.82 0.49 -25.77
C LYS B 283 31.74 -0.65 -26.05
N GLN B 284 31.70 -1.62 -25.16
CA GLN B 284 32.34 -2.91 -25.42
C GLN B 284 31.49 -4.08 -24.95
N VAL B 285 31.59 -5.21 -25.66
CA VAL B 285 31.00 -6.48 -25.20
C VAL B 285 32.05 -7.39 -24.59
N TYR B 286 31.83 -7.87 -23.37
CA TYR B 286 32.67 -8.99 -22.88
C TYR B 286 31.95 -10.32 -22.88
N ALA B 287 32.43 -11.23 -23.71
CA ALA B 287 32.04 -12.64 -23.61
C ALA B 287 33.26 -13.55 -23.77
N VAL B 288 33.15 -14.72 -23.15
CA VAL B 288 34.23 -15.70 -23.13
C VAL B 288 34.41 -16.29 -24.53
N ASN B 289 33.32 -16.70 -25.15
CA ASN B 289 33.36 -17.01 -26.56
C ASN B 289 33.41 -15.69 -27.35
N GLY B 290 34.43 -15.54 -28.20
CA GLY B 290 34.62 -14.35 -29.02
C GLY B 290 33.79 -14.37 -30.29
N THR B 291 33.10 -15.48 -30.50
CA THR B 291 32.35 -15.69 -31.72
C THR B 291 30.90 -15.69 -31.31
N ILE B 292 30.14 -14.82 -31.96
CA ILE B 292 28.70 -14.87 -31.86
C ILE B 292 28.16 -16.20 -32.41
N ASN B 293 27.35 -16.88 -31.62
CA ASN B 293 26.66 -18.06 -32.07
C ASN B 293 25.34 -17.69 -32.76
N THR B 294 25.28 -17.83 -34.08
CA THR B 294 24.07 -17.44 -34.84
C THR B 294 22.99 -18.55 -34.92
N GLU C 19 -25.84 -7.79 23.51
CA GLU C 19 -27.08 -7.89 24.36
C GLU C 19 -27.48 -6.53 24.98
N CYS C 20 -26.48 -5.72 25.38
CA CYS C 20 -26.72 -4.36 25.86
C CYS C 20 -26.30 -3.34 24.75
N SER C 21 -27.26 -3.00 23.89
CA SER C 21 -27.04 -2.04 22.76
C SER C 21 -27.42 -0.62 23.17
N PHE C 22 -26.82 0.38 22.54
CA PHE C 22 -27.13 1.80 22.82
CA PHE C 22 -27.11 1.77 22.83
C PHE C 22 -27.19 2.58 21.53
N GLY C 23 -28.39 2.96 21.15
CA GLY C 23 -28.70 3.42 19.82
C GLY C 23 -29.20 4.84 19.86
N ILE C 24 -28.59 5.70 19.05
CA ILE C 24 -29.21 6.93 18.58
C ILE C 24 -29.97 6.72 17.26
N GLU C 25 -31.15 7.33 17.19
CA GLU C 25 -32.13 7.06 16.16
C GLU C 25 -32.58 8.39 15.57
N ASN C 26 -32.93 8.38 14.29
CA ASN C 26 -33.47 9.55 13.61
C ASN C 26 -34.51 9.06 12.61
N THR C 27 -35.78 9.23 13.00
CA THR C 27 -36.91 8.48 12.44
C THR C 27 -37.55 9.20 11.26
N ALA C 28 -37.26 10.50 11.16
CA ALA C 28 -37.56 11.31 9.98
C ALA C 28 -36.47 11.24 8.90
N GLY C 29 -35.36 10.56 9.20
CA GLY C 29 -34.33 10.25 8.20
C GLY C 29 -33.48 11.44 7.80
N GLY C 30 -33.38 12.44 8.68
CA GLY C 30 -32.11 12.96 9.11
C GLY C 30 -31.08 11.94 9.55
N SER C 31 -29.85 12.44 9.70
CA SER C 31 -28.70 11.67 10.14
C SER C 31 -28.60 11.65 11.66
N ALA C 32 -28.05 10.57 12.20
CA ALA C 32 -27.93 10.39 13.65
C ALA C 32 -26.48 10.23 14.02
N VAL C 33 -25.89 11.30 14.54
CA VAL C 33 -24.44 11.39 14.68
C VAL C 33 -24.02 11.59 16.12
N PHE C 34 -22.79 11.25 16.41
CA PHE C 34 -22.24 11.43 17.72
C PHE C 34 -21.12 12.49 17.66
N HIS C 35 -21.07 13.35 18.65
CA HIS C 35 -20.12 14.46 18.62
C HIS C 35 -19.32 14.48 19.90
N ASN C 36 -18.02 14.70 19.79
CA ASN C 36 -17.18 14.99 20.94
C ASN C 36 -16.91 16.47 20.91
N TYR C 37 -17.21 17.12 22.03
CA TYR C 37 -16.89 18.53 22.21
C TYR C 37 -15.76 18.67 23.22
N THR C 38 -14.94 19.70 23.02
CA THR C 38 -13.65 19.83 23.69
C THR C 38 -13.22 21.28 23.50
N ARG C 39 -12.60 21.87 24.53
CA ARG C 39 -12.08 23.24 24.48
C ARG C 39 -10.62 23.29 24.92
N GLY C 40 -10.01 24.47 24.76
CA GLY C 40 -8.74 24.76 25.43
C GLY C 40 -8.98 25.10 26.89
N ALA C 41 -7.90 25.25 27.64
CA ALA C 41 -7.99 25.76 29.01
C ALA C 41 -8.72 27.12 29.02
N SER C 42 -9.67 27.29 29.97
CA SER C 42 -10.30 28.59 30.23
C SER C 42 -11.04 29.12 29.01
N ASN C 43 -11.84 28.28 28.38
CA ASN C 43 -12.50 28.61 27.10
C ASN C 43 -11.60 29.14 25.97
N SER C 44 -10.31 28.84 26.04
CA SER C 44 -9.44 29.16 24.93
C SER C 44 -9.72 28.20 23.76
N VAL C 45 -9.38 28.67 22.58
CA VAL C 45 -9.35 27.87 21.36
C VAL C 45 -8.59 26.55 21.55
N THR C 46 -9.13 25.46 21.01
CA THR C 46 -8.44 24.15 21.09
C THR C 46 -7.08 24.14 20.36
N LYS C 47 -6.20 23.24 20.80
CA LYS C 47 -4.81 23.27 20.45
C LYS C 47 -4.37 22.16 19.44
N ASN C 48 -3.25 22.44 18.77
CA ASN C 48 -2.56 21.44 17.98
C ASN C 48 -2.29 20.18 18.77
N ASN C 49 -2.68 19.04 18.18
CA ASN C 49 -2.54 17.72 18.77
C ASN C 49 -3.30 17.50 20.07
N GLN C 50 -4.13 18.46 20.46
CA GLN C 50 -5.01 18.27 21.58
C GLN C 50 -6.00 17.20 21.20
N LEU C 51 -6.34 16.34 22.14
CA LEU C 51 -7.22 15.21 21.87
C LEU C 51 -8.69 15.66 21.86
N LEU C 52 -9.22 15.89 20.68
CA LEU C 52 -10.53 16.51 20.52
C LEU C 52 -11.69 15.56 20.76
N GLY C 53 -11.39 14.27 20.75
CA GLY C 53 -12.37 13.26 21.17
C GLY C 53 -11.89 11.86 20.83
N GLY C 54 -12.66 10.85 21.21
CA GLY C 54 -12.12 9.50 21.33
C GLY C 54 -13.15 8.46 21.65
N TYR C 55 -12.91 7.25 21.20
CA TYR C 55 -13.76 6.12 21.49
C TYR C 55 -12.80 4.96 21.65
N GLY C 56 -13.06 4.09 22.62
CA GLY C 56 -12.01 3.28 23.23
C GLY C 56 -12.57 2.13 24.04
N SER C 57 -12.15 0.90 23.74
CA SER C 57 -12.46 -0.23 24.59
C SER C 57 -11.55 -0.14 25.81
N ARG C 58 -12.15 -0.29 26.99
CA ARG C 58 -11.44 -0.70 28.19
C ARG C 58 -11.87 -2.11 28.60
N PRO C 59 -10.88 -3.02 28.79
CA PRO C 59 -11.23 -4.39 29.10
C PRO C 59 -11.00 -4.72 30.55
N TRP C 60 -11.51 -5.89 30.97
CA TRP C 60 -11.71 -6.23 32.36
C TRP C 60 -10.59 -7.17 32.81
N LEU C 61 -9.90 -6.76 33.88
CA LEU C 61 -8.71 -7.46 34.40
C LEU C 61 -9.06 -8.61 35.35
N GLY C 62 -10.28 -8.63 35.89
CA GLY C 62 -10.65 -9.57 36.95
C GLY C 62 -11.55 -8.90 37.95
N SER C 63 -11.14 -7.72 38.41
CA SER C 63 -12.01 -6.87 39.23
C SER C 63 -12.05 -5.40 38.80
N THR C 64 -11.16 -4.98 37.89
CA THR C 64 -11.19 -3.60 37.36
C THR C 64 -11.12 -3.57 35.85
N TYR C 65 -11.27 -2.35 35.32
CA TYR C 65 -10.88 -2.05 33.95
C TYR C 65 -9.48 -1.47 33.87
N THR C 66 -8.86 -1.63 32.71
CA THR C 66 -7.61 -0.94 32.38
C THR C 66 -7.83 0.53 32.60
N GLU C 67 -6.76 1.26 32.90
CA GLU C 67 -6.87 2.69 33.20
C GLU C 67 -7.27 3.55 31.99
N HIS C 68 -6.68 3.23 30.82
CA HIS C 68 -7.08 3.83 29.54
C HIS C 68 -7.47 2.70 28.61
N SER C 69 -7.97 3.08 27.44
CA SER C 69 -8.37 2.11 26.44
C SER C 69 -7.17 1.39 25.81
N ASN C 70 -7.40 0.14 25.43
CA ASN C 70 -6.36 -0.66 24.80
C ASN C 70 -6.46 -0.64 23.27
N ALA C 71 -7.60 -0.17 22.79
CA ALA C 71 -7.82 0.06 21.36
C ALA C 71 -8.75 1.25 21.24
N ALA C 72 -8.46 2.15 20.33
CA ALA C 72 -9.10 3.46 20.36
C ALA C 72 -9.07 4.16 19.01
N LEU C 73 -10.08 5.00 18.79
CA LEU C 73 -10.05 5.96 17.72
C LEU C 73 -9.90 7.34 18.33
N HIS C 74 -8.89 8.09 17.91
CA HIS C 74 -8.67 9.43 18.47
C HIS C 74 -8.85 10.41 17.35
N PHE C 75 -9.57 11.50 17.63
CA PHE C 75 -9.52 12.73 16.84
C PHE C 75 -8.60 13.75 17.51
N LEU C 76 -7.66 14.31 16.75
CA LEU C 76 -6.70 15.28 17.29
C LEU C 76 -6.70 16.52 16.45
N GLY C 77 -6.32 17.64 17.05
CA GLY C 77 -6.19 18.91 16.35
C GLY C 77 -4.92 18.92 15.54
N ALA C 78 -5.00 19.53 14.37
CA ALA C 78 -3.80 19.90 13.61
C ALA C 78 -3.78 21.41 13.55
N GLY C 79 -2.81 22.01 14.24
CA GLY C 79 -2.80 23.45 14.45
C GLY C 79 -3.79 23.90 15.51
N ASP C 80 -3.39 24.93 16.26
CA ASP C 80 -4.32 25.62 17.12
C ASP C 80 -5.50 26.04 16.24
N THR C 81 -6.69 25.71 16.71
CA THR C 81 -7.91 26.08 16.04
C THR C 81 -8.11 27.63 15.99
N SER C 82 -8.87 28.11 15.01
CA SER C 82 -8.95 29.53 14.68
C SER C 82 -10.00 29.65 13.59
N ALA C 83 -10.28 30.86 13.13
CA ALA C 83 -11.35 31.06 12.13
C ALA C 83 -10.90 30.55 10.75
N THR C 84 -9.58 30.42 10.57
CA THR C 84 -8.99 29.97 9.30
C THR C 84 -8.34 28.57 9.39
N ASN C 85 -8.40 27.96 10.56
CA ASN C 85 -7.87 26.64 10.77
C ASN C 85 -8.79 25.78 11.61
N HIS C 86 -9.49 24.87 10.96
CA HIS C 86 -10.22 23.81 11.65
C HIS C 86 -9.48 22.48 11.59
N GLY C 87 -8.16 22.53 11.63
CA GLY C 87 -7.33 21.40 11.27
C GLY C 87 -7.60 20.25 12.20
N GLY C 88 -7.77 19.07 11.63
CA GLY C 88 -7.93 17.85 12.41
C GLY C 88 -7.47 16.58 11.70
N TRP C 89 -7.07 15.61 12.50
CA TRP C 89 -6.57 14.34 12.04
C TRP C 89 -7.02 13.23 12.98
N ILE C 90 -6.69 12.00 12.61
CA ILE C 90 -7.30 10.81 13.18
C ILE C 90 -6.14 9.89 13.48
N ARG C 91 -6.21 9.11 14.54
CA ARG C 91 -5.39 7.89 14.61
C ARG C 91 -6.10 6.73 15.30
N LEU C 92 -5.65 5.53 15.01
CA LEU C 92 -6.20 4.34 15.63
C LEU C 92 -5.11 3.69 16.43
N LEU C 93 -5.44 3.36 17.69
CA LEU C 93 -4.47 2.79 18.61
C LEU C 93 -4.84 1.35 18.90
N VAL C 94 -3.80 0.50 18.93
CA VAL C 94 -3.93 -0.92 19.26
C VAL C 94 -2.91 -1.25 20.36
N THR C 95 -3.04 -2.42 20.97
CA THR C 95 -2.12 -2.83 22.04
C THR C 95 -1.67 -4.23 21.74
N PRO C 96 -0.33 -4.45 21.66
CA PRO C 96 0.07 -5.77 21.18
C PRO C 96 -0.12 -6.85 22.23
N LYS C 97 -0.62 -8.01 21.82
CA LYS C 97 -0.67 -9.18 22.69
C LYS C 97 0.60 -9.36 23.51
N GLY C 98 0.44 -9.49 24.82
CA GLY C 98 1.59 -9.59 25.72
C GLY C 98 2.20 -8.27 26.16
N LYS C 99 1.55 -7.15 25.86
CA LYS C 99 1.92 -5.86 26.48
C LYS C 99 0.74 -5.11 27.07
N THR C 100 1.05 -4.21 27.99
CA THR C 100 0.06 -3.43 28.66
C THR C 100 -0.18 -2.18 27.84
N ILE C 101 -1.19 -1.41 28.24
CA ILE C 101 -1.59 -0.22 27.53
C ILE C 101 -0.54 0.89 27.65
N SER C 102 0.40 0.77 28.58
CA SER C 102 1.65 1.55 28.55
C SER C 102 2.32 1.55 27.19
N ASP C 103 2.38 0.38 26.55
CA ASP C 103 3.05 0.23 25.26
C ASP C 103 2.07 0.11 24.09
N ARG C 104 0.92 0.78 24.21
CA ARG C 104 -0.01 0.87 23.09
C ARG C 104 0.51 1.78 21.99
N VAL C 105 0.07 1.48 20.77
CA VAL C 105 0.78 1.84 19.55
C VAL C 105 -0.21 2.56 18.64
N PRO C 106 0.03 3.85 18.38
CA PRO C 106 -0.82 4.53 17.37
C PRO C 106 -0.42 4.14 15.95
N ALA C 107 -0.82 2.94 15.53
CA ALA C 107 -0.23 2.31 14.36
C ALA C 107 -0.87 2.79 13.07
N PHE C 108 -2.03 3.41 13.16
CA PHE C 108 -2.68 3.98 11.98
C PHE C 108 -2.83 5.45 12.17
N ARG C 109 -2.23 6.27 11.32
CA ARG C 109 -2.39 7.71 11.42
C ARG C 109 -2.88 8.32 10.13
N LEU C 110 -4.06 8.94 10.19
CA LEU C 110 -4.61 9.60 9.03
C LEU C 110 -4.36 11.08 9.14
N SER C 111 -3.38 11.56 8.38
CA SER C 111 -2.87 12.90 8.56
C SER C 111 -3.90 13.94 8.16
N ASP C 112 -3.79 15.13 8.74
CA ASP C 112 -4.62 16.24 8.29
C ASP C 112 -4.47 16.49 6.78
N ASN C 113 -3.29 16.23 6.23
CA ASN C 113 -3.10 16.34 4.77
C ASN C 113 -3.74 15.18 3.96
N GLY C 114 -4.07 14.07 4.61
CA GLY C 114 -4.86 13.02 4.02
C GLY C 114 -4.01 11.80 3.81
N ASP C 115 -2.71 11.92 4.07
CA ASP C 115 -1.82 10.75 3.97
C ASP C 115 -2.24 9.72 4.95
N LEU C 116 -2.01 8.45 4.64
CA LEU C 116 -2.04 7.39 5.65
C LEU C 116 -0.63 7.00 6.04
N TRP C 117 -0.34 7.14 7.33
CA TRP C 117 0.87 6.61 7.89
C TRP C 117 0.61 5.32 8.63
N LEU C 118 1.46 4.33 8.37
CA LEU C 118 1.31 3.00 8.95
C LEU C 118 2.54 2.66 9.74
N VAL C 119 2.42 2.62 11.06
CA VAL C 119 3.60 2.64 11.95
C VAL C 119 3.48 1.51 12.99
N PRO C 120 3.83 0.27 12.61
CA PRO C 120 3.64 -0.83 13.54
C PRO C 120 4.51 -0.78 14.81
N ASP C 121 4.23 -1.71 15.71
CA ASP C 121 5.04 -1.90 16.88
C ASP C 121 6.52 -2.03 16.49
N GLY C 122 7.38 -1.31 17.20
CA GLY C 122 8.83 -1.42 17.00
C GLY C 122 9.39 -0.26 16.20
N ALA C 123 8.51 0.54 15.61
CA ALA C 123 8.93 1.39 14.51
C ALA C 123 9.28 2.80 15.02
N MSE C 124 8.40 3.34 15.86
CA MSE C 124 8.57 4.67 16.42
C MSE C 124 8.36 4.60 17.89
O MSE C 124 7.45 3.92 18.36
CB MSE C 124 7.49 5.63 15.92
CG MSE C 124 7.87 6.09 14.52
SE MSE C 124 6.83 7.68 14.02
CE MSE C 124 6.78 7.37 12.08
N HIS C 125 9.20 5.33 18.62
CA HIS C 125 8.98 5.58 20.03
C HIS C 125 7.68 6.33 20.25
N SER C 126 7.04 6.04 21.38
CA SER C 126 5.78 6.69 21.71
C SER C 126 5.88 8.23 21.88
N ASP C 127 7.07 8.77 22.15
CA ASP C 127 7.28 10.22 22.06
C ASP C 127 6.99 10.79 20.68
N LEU C 128 6.94 9.93 19.68
CA LEU C 128 6.63 10.34 18.34
C LEU C 128 5.24 9.84 17.97
N GLY C 129 4.38 9.69 18.97
CA GLY C 129 3.03 9.21 18.77
C GLY C 129 2.18 10.21 18.02
N LEU C 130 2.57 11.49 18.10
CA LEU C 130 1.81 12.57 17.49
C LEU C 130 2.40 13.03 16.15
N VAL C 131 3.53 12.45 15.75
CA VAL C 131 3.97 12.62 14.37
C VAL C 131 2.90 12.21 13.34
N ARG C 132 2.61 13.14 12.43
CA ARG C 132 1.55 12.96 11.42
C ARG C 132 1.95 13.33 9.98
N SER C 133 3.19 13.76 9.78
CA SER C 133 3.66 14.19 8.46
C SER C 133 5.18 14.08 8.47
N ILE C 134 5.78 14.09 7.29
CA ILE C 134 7.23 14.30 7.18
C ILE C 134 7.66 15.63 7.86
N GLU C 135 6.85 16.67 7.67
CA GLU C 135 7.14 17.94 8.33
C GLU C 135 7.33 17.76 9.83
N THR C 136 6.41 17.06 10.48
CA THR C 136 6.42 16.99 11.94
C THR C 136 7.48 15.99 12.37
N LEU C 137 7.72 15.00 11.52
CA LEU C 137 8.76 14.01 11.84
C LEU C 137 10.14 14.67 11.79
N ASN C 138 10.33 15.55 10.81
CA ASN C 138 11.56 16.32 10.69
C ASN C 138 11.78 17.17 11.95
N ALA C 139 10.66 17.72 12.45
CA ALA C 139 10.65 18.57 13.64
C ALA C 139 11.09 17.79 14.83
N ALA C 140 10.52 16.60 15.01
CA ALA C 140 10.77 15.84 16.24
C ALA C 140 12.12 15.15 16.21
N VAL C 141 12.66 14.94 15.01
CA VAL C 141 13.87 14.18 14.84
C VAL C 141 14.78 14.94 13.91
N PRO C 142 15.48 15.98 14.42
CA PRO C 142 16.00 17.03 13.55
C PRO C 142 17.01 16.52 12.51
N ARG C 143 17.64 15.38 12.80
CA ARG C 143 18.56 14.75 11.85
C ARG C 143 17.86 13.96 10.72
N PHE C 144 16.55 13.76 10.80
CA PHE C 144 15.80 13.14 9.68
C PHE C 144 15.93 13.85 8.32
N ASN C 145 15.40 15.07 8.22
CA ASN C 145 15.50 15.83 6.97
C ASN C 145 15.08 15.03 5.77
N ALA C 146 13.82 14.70 5.72
CA ALA C 146 13.27 14.07 4.54
C ALA C 146 12.46 15.11 3.79
N PRO C 147 12.19 14.85 2.49
CA PRO C 147 11.61 15.91 1.66
C PRO C 147 10.13 16.08 1.93
N SER C 148 9.74 17.19 2.53
CA SER C 148 8.35 17.39 2.95
C SER C 148 7.42 17.60 1.75
N ILE C 149 8.00 17.64 0.56
CA ILE C 149 7.22 17.75 -0.65
C ILE C 149 6.50 16.42 -0.91
N GLN C 150 6.99 15.37 -0.29
CA GLN C 150 6.35 14.07 -0.36
C GLN C 150 5.11 13.96 0.50
N ASP C 151 4.83 14.92 1.38
CA ASP C 151 3.57 14.92 2.15
C ASP C 151 2.38 15.15 1.27
N GLY C 152 1.33 14.41 1.56
CA GLY C 152 0.12 14.46 0.77
C GLY C 152 0.03 13.50 -0.39
N ARG C 153 1.01 12.60 -0.51
CA ARG C 153 1.13 11.71 -1.68
C ARG C 153 0.54 10.29 -1.50
N GLY C 154 0.22 9.93 -0.28
CA GLY C 154 -0.61 8.77 -0.03
C GLY C 154 -0.05 8.02 1.14
N LEU C 155 0.59 6.90 0.87
CA LEU C 155 0.83 5.89 1.91
C LEU C 155 2.26 5.90 2.34
N LYS C 156 2.46 6.04 3.64
CA LYS C 156 3.81 5.90 4.19
C LYS C 156 3.80 4.73 5.13
N ILE C 157 4.75 3.81 4.93
CA ILE C 157 4.98 2.74 5.89
C ILE C 157 6.30 2.87 6.62
N VAL C 158 6.25 2.83 7.94
CA VAL C 158 7.48 2.86 8.77
C VAL C 158 7.57 1.64 9.68
N ALA C 159 8.62 0.84 9.48
CA ALA C 159 8.87 -0.38 10.26
C ALA C 159 10.37 -0.51 10.50
N PRO C 160 10.77 -1.07 11.65
CA PRO C 160 12.21 -1.22 11.82
C PRO C 160 12.73 -2.18 10.76
N GLN C 161 13.75 -1.72 10.04
CA GLN C 161 14.48 -2.49 9.02
C GLN C 161 13.77 -2.83 7.73
N ALA C 162 12.60 -3.45 7.84
CA ALA C 162 12.01 -4.22 6.74
C ALA C 162 10.54 -3.85 6.57
N PRO C 163 10.26 -2.58 6.31
CA PRO C 163 8.88 -2.25 5.94
C PRO C 163 8.50 -2.89 4.63
N GLU C 164 7.27 -3.34 4.56
CA GLU C 164 6.96 -4.35 3.60
C GLU C 164 5.50 -4.28 3.15
N ILE C 165 5.29 -4.45 1.88
CA ILE C 165 3.93 -4.73 1.43
C ILE C 165 3.77 -6.15 0.99
N ASP C 166 2.83 -6.87 1.59
CA ASP C 166 2.65 -8.29 1.19
C ASP C 166 1.38 -8.46 0.40
N LEU C 167 1.51 -9.04 -0.79
CA LEU C 167 0.37 -9.24 -1.68
C LEU C 167 0.00 -10.70 -1.79
N ILE C 168 -0.96 -11.13 -1.00
CA ILE C 168 -1.20 -12.55 -0.86
C ILE C 168 -2.29 -13.06 -1.82
N ALA C 169 -1.90 -13.96 -2.69
CA ALA C 169 -2.59 -14.15 -3.95
C ALA C 169 -3.04 -15.62 -4.23
N PRO C 170 -4.03 -16.11 -3.51
CA PRO C 170 -4.47 -17.51 -3.79
C PRO C 170 -5.03 -17.66 -5.17
N ARG C 171 -4.62 -18.71 -5.87
CA ARG C 171 -5.13 -19.01 -7.22
C ARG C 171 -6.66 -19.06 -7.35
N GLY C 172 -7.36 -19.55 -6.33
CA GLY C 172 -8.52 -20.43 -6.54
C GLY C 172 -8.54 -21.10 -7.91
N SER C 173 -9.42 -20.62 -8.78
CA SER C 173 -9.71 -21.35 -10.01
C SER C 173 -9.05 -20.70 -11.22
N GLY C 174 -8.39 -19.56 -11.04
CA GLY C 174 -7.74 -18.86 -12.15
C GLY C 174 -6.24 -18.81 -11.96
N ALA C 175 -5.70 -17.62 -11.75
CA ALA C 175 -4.27 -17.44 -11.80
C ALA C 175 -3.90 -16.48 -10.71
N SER C 176 -2.84 -16.84 -9.99
CA SER C 176 -2.14 -15.94 -9.03
C SER C 176 -1.53 -14.78 -9.81
N ALA C 177 -2.18 -13.61 -9.79
CA ALA C 177 -1.70 -12.45 -10.54
C ALA C 177 -1.59 -11.14 -9.72
N PRO C 178 -1.00 -11.21 -8.55
CA PRO C 178 -0.79 -9.93 -7.82
C PRO C 178 -0.14 -8.84 -8.66
N ALA C 179 -0.49 -7.60 -8.42
CA ALA C 179 0.05 -6.57 -9.33
C ALA C 179 0.22 -5.19 -8.69
N ILE C 180 1.19 -4.45 -9.19
CA ILE C 180 1.24 -3.03 -8.85
C ILE C 180 1.10 -2.24 -10.14
N ARG C 181 0.08 -1.40 -10.17
CA ARG C 181 -0.46 -0.87 -11.39
C ARG C 181 -0.52 0.63 -11.28
N ALA C 182 0.35 1.31 -12.01
CA ALA C 182 0.24 2.77 -12.11
C ALA C 182 -0.84 3.07 -13.11
N MSE C 183 -1.53 4.19 -12.91
CA MSE C 183 -2.62 4.59 -13.78
C MSE C 183 -2.43 6.04 -14.14
O MSE C 183 -2.85 6.93 -13.43
CB MSE C 183 -3.94 4.29 -13.13
CG MSE C 183 -4.22 2.80 -13.37
SE MSE C 183 -5.81 2.39 -12.32
CE MSE C 183 -7.18 2.40 -13.73
N TRP C 184 -1.76 6.22 -15.28
CA TRP C 184 -1.53 7.50 -15.87
C TRP C 184 -2.77 8.08 -16.55
N CYS C 185 -3.00 9.38 -16.35
CA CYS C 185 -3.92 10.15 -17.20
C CYS C 185 -3.62 11.65 -17.23
N ASP C 186 -4.25 12.30 -18.22
CA ASP C 186 -4.28 13.74 -18.27
C ASP C 186 -5.46 14.25 -17.51
N GLY C 187 -5.36 15.49 -17.03
CA GLY C 187 -6.53 16.14 -16.46
C GLY C 187 -6.48 16.06 -14.97
N SER C 188 -7.62 16.13 -14.31
CA SER C 188 -7.67 16.37 -12.88
C SER C 188 -9.03 16.06 -12.34
N LEU C 189 -9.07 15.50 -11.15
CA LEU C 189 -10.31 15.29 -10.43
C LEU C 189 -10.57 16.33 -9.37
N ALA C 190 -9.69 17.33 -9.30
CA ALA C 190 -9.67 18.26 -8.17
C ALA C 190 -10.63 19.42 -8.41
N ASP C 191 -10.89 19.73 -9.67
CA ASP C 191 -11.75 20.85 -10.03
C ASP C 191 -13.17 20.38 -10.35
N THR C 192 -14.01 21.33 -10.76
CA THR C 192 -15.39 21.06 -11.13
C THR C 192 -15.53 20.52 -12.56
N THR C 193 -14.65 20.95 -13.44
CA THR C 193 -14.67 20.52 -14.86
C THR C 193 -14.58 19.00 -14.98
N ARG C 194 -13.57 18.46 -14.31
CA ARG C 194 -13.28 17.03 -14.31
C ARG C 194 -12.99 16.44 -15.68
N TYR C 195 -12.16 17.14 -16.43
CA TYR C 195 -11.59 16.60 -17.62
C TYR C 195 -10.66 15.49 -17.21
N ILE C 196 -10.82 14.32 -17.83
CA ILE C 196 -9.80 13.28 -17.86
C ILE C 196 -9.43 12.97 -19.28
N GLY C 197 -8.16 12.68 -19.53
CA GLY C 197 -7.63 12.67 -20.89
C GLY C 197 -6.45 11.75 -21.06
N ALA C 198 -5.83 11.79 -22.24
CA ALA C 198 -4.90 10.78 -22.63
C ALA C 198 -3.60 10.97 -21.93
N THR C 199 -3.02 9.87 -21.52
CA THR C 199 -1.69 9.83 -21.01
C THR C 199 -0.69 10.70 -21.81
N GLN C 200 0.05 11.53 -21.09
CA GLN C 200 0.89 12.53 -21.71
C GLN C 200 2.33 12.03 -21.81
N PRO C 201 3.16 12.73 -22.58
CA PRO C 201 4.55 12.34 -22.57
C PRO C 201 5.23 12.82 -21.26
N GLY C 202 6.35 12.19 -20.91
CA GLY C 202 7.00 12.35 -19.60
C GLY C 202 6.21 11.89 -18.37
N SER C 203 5.09 11.22 -18.60
CA SER C 203 4.56 10.25 -17.67
C SER C 203 5.63 9.23 -17.30
N THR C 204 5.70 8.85 -16.03
CA THR C 204 6.65 7.90 -15.48
C THR C 204 6.00 7.10 -14.36
N PHE C 205 6.54 5.93 -14.11
CA PHE C 205 6.24 5.15 -12.94
C PHE C 205 7.56 4.61 -12.40
N TYR C 206 8.08 5.28 -11.36
CA TYR C 206 9.38 4.95 -10.77
C TYR C 206 9.22 4.02 -9.58
N ILE C 207 9.99 2.94 -9.58
CA ILE C 207 10.13 2.13 -8.41
C ILE C 207 11.61 2.16 -8.04
N GLY C 208 11.93 2.76 -6.91
CA GLY C 208 13.34 2.93 -6.56
C GLY C 208 13.55 3.39 -5.14
N ALA C 209 14.80 3.65 -4.82
CA ALA C 209 15.25 3.78 -3.45
C ALA C 209 15.87 5.15 -3.30
N SER C 210 15.27 5.97 -2.44
CA SER C 210 15.94 7.09 -1.75
C SER C 210 16.80 6.65 -0.57
N GLY C 211 17.55 7.58 0.04
CA GLY C 211 18.24 7.26 1.32
C GLY C 211 18.92 8.43 1.97
N HIS C 212 19.17 8.32 3.27
CA HIS C 212 19.96 9.34 3.97
C HIS C 212 21.38 9.28 3.46
N ASP C 213 21.94 10.46 3.15
CA ASP C 213 23.35 10.58 2.77
C ASP C 213 24.25 10.97 3.94
N GLY C 214 23.66 11.05 5.12
CA GLY C 214 24.36 11.51 6.33
C GLY C 214 24.01 12.94 6.70
N GLU C 215 23.45 13.68 5.74
CA GLU C 215 22.79 14.97 5.96
C GLU C 215 21.26 14.91 5.80
N LYS C 216 20.79 14.23 4.75
CA LYS C 216 19.39 14.29 4.38
C LYS C 216 18.99 13.16 3.45
N PHE C 217 17.69 12.96 3.32
CA PHE C 217 17.14 12.19 2.21
C PHE C 217 16.95 13.16 1.07
N ASP C 218 16.98 12.62 -0.13
CA ASP C 218 16.74 13.41 -1.29
C ASP C 218 16.07 12.51 -2.32
N SER C 219 16.54 12.55 -3.57
CA SER C 219 15.84 11.94 -4.66
C SER C 219 16.26 10.47 -4.68
N MSE C 220 15.57 9.66 -5.49
CA MSE C 220 15.97 8.27 -5.65
C MSE C 220 17.29 8.18 -6.36
O MSE C 220 17.58 8.98 -7.26
CB MSE C 220 14.96 7.50 -6.52
CG MSE C 220 13.66 7.19 -5.79
SE MSE C 220 12.43 6.38 -7.11
CE MSE C 220 10.79 6.68 -6.12
N ARG C 221 18.10 7.17 -6.01
CA ARG C 221 19.42 7.02 -6.63
C ARG C 221 19.64 5.72 -7.43
N GLY C 222 18.73 4.78 -7.26
CA GLY C 222 18.61 3.66 -8.18
C GLY C 222 17.15 3.39 -8.39
N SER C 223 16.79 3.01 -9.59
CA SER C 223 15.36 2.79 -9.92
C SER C 223 15.16 1.88 -11.11
N VAL C 224 14.01 1.27 -11.14
CA VAL C 224 13.39 0.83 -12.41
C VAL C 224 12.32 1.83 -12.69
N ALA C 225 12.18 2.29 -13.91
CA ALA C 225 10.99 3.13 -14.28
C ALA C 225 10.30 2.59 -15.51
N ILE C 226 8.99 2.59 -15.48
CA ILE C 226 8.16 2.47 -16.68
C ILE C 226 7.78 3.87 -17.15
N LYS C 227 8.05 4.20 -18.41
CA LYS C 227 7.74 5.51 -18.97
C LYS C 227 6.80 5.40 -20.18
N SER C 228 5.89 6.37 -20.34
CA SER C 228 5.35 6.68 -21.66
C SER C 228 6.50 7.09 -22.59
N ALA C 229 6.51 6.55 -23.80
CA ALA C 229 7.47 7.03 -24.81
C ALA C 229 6.75 7.69 -25.96
N GLY C 230 6.13 8.82 -25.68
CA GLY C 230 5.03 9.30 -26.52
C GLY C 230 3.82 9.66 -25.69
N GLY C 231 3.09 10.64 -26.19
CA GLY C 231 1.68 10.73 -25.92
C GLY C 231 0.94 9.54 -26.52
N TRP C 232 -0.18 9.24 -25.90
CA TRP C 232 -0.98 8.11 -26.24
C TRP C 232 -2.24 8.54 -26.99
N GLY C 233 -2.78 7.59 -27.75
CA GLY C 233 -4.15 7.62 -28.23
C GLY C 233 -4.55 6.17 -28.34
N PRO C 234 -5.77 5.89 -28.84
CA PRO C 234 -6.39 4.56 -28.69
C PRO C 234 -5.80 3.43 -29.51
N THR C 235 -4.99 3.75 -30.51
CA THR C 235 -4.20 2.74 -31.22
C THR C 235 -2.68 2.89 -31.10
N SER C 236 -2.20 3.89 -30.32
CA SER C 236 -0.81 3.92 -29.96
C SER C 236 -0.56 4.26 -28.52
N THR C 237 -0.03 3.31 -27.75
CA THR C 237 0.30 3.53 -26.35
C THR C 237 1.73 3.11 -26.01
N PRO C 238 2.72 3.81 -26.58
CA PRO C 238 4.11 3.44 -26.42
C PRO C 238 4.54 3.49 -24.97
N THR C 239 5.37 2.52 -24.57
CA THR C 239 6.08 2.54 -23.29
C THR C 239 7.54 2.19 -23.48
N GLN C 240 8.38 2.65 -22.56
CA GLN C 240 9.68 2.03 -22.35
C GLN C 240 9.92 1.60 -20.89
N VAL C 241 10.88 0.69 -20.68
CA VAL C 241 11.35 0.41 -19.30
C VAL C 241 12.82 0.78 -19.14
N VAL C 242 13.16 1.50 -18.08
CA VAL C 242 14.50 2.07 -17.92
C VAL C 242 15.10 1.74 -16.55
N LEU C 243 16.37 1.35 -16.55
CA LEU C 243 17.10 1.11 -15.29
C LEU C 243 18.12 2.19 -14.98
N GLU C 244 18.04 2.71 -13.76
CA GLU C 244 18.89 3.84 -13.38
C GLU C 244 19.77 3.51 -12.19
N THR C 245 21.04 3.86 -12.28
CA THR C 245 21.96 3.79 -11.09
C THR C 245 22.71 5.08 -10.88
N CYS C 246 23.43 5.14 -9.79
CA CYS C 246 24.26 6.25 -9.40
C CYS C 246 25.66 5.69 -9.25
N GLU C 247 26.67 6.43 -9.73
CA GLU C 247 28.03 5.95 -9.69
C GLU C 247 28.56 6.33 -8.33
N SER C 248 29.27 5.42 -7.70
CA SER C 248 30.33 5.75 -6.76
C SER C 248 31.06 7.08 -6.98
N GLY C 249 31.06 7.93 -5.96
CA GLY C 249 31.62 9.26 -6.07
C GLY C 249 30.67 10.27 -6.68
N SER C 250 29.53 9.81 -7.24
CA SER C 250 28.49 10.71 -7.72
C SER C 250 27.23 10.72 -6.83
N ILE C 251 26.36 11.71 -7.03
CA ILE C 251 24.99 11.72 -6.48
C ILE C 251 23.92 11.91 -7.57
N SER C 252 24.31 11.59 -8.79
CA SER C 252 23.43 11.69 -9.93
C SER C 252 22.94 10.30 -10.35
N ARG C 253 21.64 10.09 -10.24
CA ARG C 253 20.99 8.92 -10.81
C ARG C 253 20.84 9.05 -12.31
N LEU C 254 21.36 8.07 -13.04
CA LEU C 254 21.40 8.16 -14.50
C LEU C 254 20.77 6.97 -15.19
N PRO C 255 19.99 7.20 -16.25
CA PRO C 255 19.53 6.04 -17.04
C PRO C 255 20.74 5.29 -17.58
N ARG C 256 20.76 3.96 -17.47
CA ARG C 256 21.87 3.17 -17.99
C ARG C 256 21.49 2.26 -19.13
N TRP C 257 20.41 1.53 -18.95
CA TRP C 257 19.96 0.54 -19.93
C TRP C 257 18.47 0.60 -19.96
N GLY C 258 17.91 0.62 -21.16
CA GLY C 258 16.44 0.52 -21.22
C GLY C 258 15.94 -0.50 -22.22
N VAL C 259 14.69 -0.86 -22.04
CA VAL C 259 13.94 -1.49 -23.16
C VAL C 259 13.01 -0.51 -23.80
N ASP C 260 13.21 -0.28 -25.09
CA ASP C 260 12.48 0.76 -25.81
C ASP C 260 11.12 0.21 -26.28
N HIS C 261 10.33 1.09 -26.88
CA HIS C 261 8.96 0.77 -27.22
C HIS C 261 8.92 -0.30 -28.31
N ASN C 262 9.94 -0.32 -29.18
CA ASN C 262 10.11 -1.37 -30.22
C ASN C 262 10.81 -2.61 -29.67
N GLY C 263 11.08 -2.63 -28.37
CA GLY C 263 11.72 -3.77 -27.74
C GLY C 263 13.22 -3.81 -27.75
N THR C 264 13.84 -2.84 -28.38
CA THR C 264 15.29 -2.77 -28.35
C THR C 264 15.74 -2.64 -26.90
N LEU C 265 16.61 -3.56 -26.49
CA LEU C 265 17.41 -3.38 -25.30
C LEU C 265 18.61 -2.54 -25.62
N MSE C 266 18.73 -1.42 -24.97
CA MSE C 266 19.83 -0.53 -25.33
C MSE C 266 20.45 0.16 -24.14
O MSE C 266 19.81 0.36 -23.09
CB MSE C 266 19.28 0.55 -26.23
CG MSE C 266 18.04 1.19 -25.64
SE MSE C 266 17.18 2.33 -26.99
CE MSE C 266 15.89 3.25 -25.78
N PRO C 267 21.70 0.58 -24.31
CA PRO C 267 22.22 1.59 -23.39
C PRO C 267 21.60 2.96 -23.68
N MSE C 268 21.43 3.72 -22.60
CA MSE C 268 20.76 5.04 -22.65
C MSE C 268 21.71 6.16 -22.99
O MSE C 268 21.38 7.32 -22.84
CB MSE C 268 20.06 5.28 -21.31
CG MSE C 268 19.10 4.15 -20.96
SE MSE C 268 17.65 3.92 -22.35
CE MSE C 268 16.99 5.78 -22.49
N ALA C 269 22.87 5.82 -23.50
CA ALA C 269 23.73 6.79 -24.14
C ALA C 269 24.69 6.03 -25.07
N ASP C 270 25.13 6.68 -26.13
CA ASP C 270 26.05 6.07 -27.09
C ASP C 270 27.49 5.93 -26.53
N ASN C 271 28.17 4.86 -26.89
CA ASN C 271 29.57 4.70 -26.60
C ASN C 271 29.99 5.05 -25.17
N ARG C 272 29.41 4.36 -24.21
CA ARG C 272 29.46 4.75 -22.79
C ARG C 272 29.36 3.56 -21.80
N TYR C 273 28.51 2.55 -22.11
CA TYR C 273 28.25 1.48 -21.16
C TYR C 273 28.58 0.19 -21.80
N ASN C 274 29.34 -0.66 -21.09
CA ASN C 274 29.67 -1.98 -21.53
C ASN C 274 28.60 -2.99 -21.24
N LEU C 275 28.63 -4.09 -21.99
CA LEU C 275 27.92 -5.31 -21.64
C LEU C 275 28.90 -6.35 -21.20
N GLY C 276 28.83 -6.71 -19.96
CA GLY C 276 29.95 -7.49 -19.37
C GLY C 276 31.13 -6.65 -18.87
N TRP C 277 31.99 -7.31 -18.12
CA TRP C 277 33.36 -6.82 -17.83
C TRP C 277 34.36 -7.98 -17.70
N GLY C 278 35.63 -7.67 -17.45
CA GLY C 278 36.73 -8.67 -17.53
C GLY C 278 36.52 -9.89 -16.65
N SER C 279 35.91 -9.70 -15.49
CA SER C 279 35.71 -10.76 -14.50
C SER C 279 34.25 -11.13 -14.38
N GLY C 280 33.43 -10.62 -15.28
CA GLY C 280 32.03 -11.03 -15.40
C GLY C 280 31.67 -11.01 -16.87
N ARG C 281 32.27 -11.91 -17.62
CA ARG C 281 31.99 -12.02 -19.04
C ARG C 281 30.75 -12.86 -19.31
N VAL C 282 29.92 -12.38 -20.23
CA VAL C 282 28.93 -13.25 -20.88
C VAL C 282 29.60 -14.55 -21.34
N LYS C 283 28.86 -15.65 -21.26
CA LYS C 283 29.43 -16.95 -21.59
C LYS C 283 29.43 -17.15 -23.09
N GLN C 284 28.26 -16.98 -23.68
CA GLN C 284 28.17 -16.91 -25.10
C GLN C 284 27.13 -15.88 -25.50
N VAL C 285 27.32 -15.27 -26.66
CA VAL C 285 26.25 -14.46 -27.28
C VAL C 285 25.50 -15.18 -28.41
N TYR C 286 24.19 -15.23 -28.34
CA TYR C 286 23.40 -15.65 -29.53
C TYR C 286 22.72 -14.53 -30.29
N ALA C 287 23.19 -14.28 -31.52
CA ALA C 287 22.54 -13.38 -32.45
C ALA C 287 22.58 -13.91 -33.90
N VAL C 288 21.57 -13.51 -34.68
CA VAL C 288 21.43 -13.94 -36.07
C VAL C 288 22.57 -13.35 -36.95
N ASN C 289 22.79 -12.04 -36.85
CA ASN C 289 23.95 -11.44 -37.44
C ASN C 289 25.13 -11.75 -36.53
N GLY C 290 26.18 -12.37 -37.10
CA GLY C 290 27.38 -12.77 -36.35
C GLY C 290 28.37 -11.62 -36.21
N THR C 291 28.05 -10.52 -36.88
CA THR C 291 28.95 -9.40 -37.01
C THR C 291 28.32 -8.28 -36.22
N ILE C 292 29.08 -7.78 -35.26
CA ILE C 292 28.72 -6.61 -34.52
C ILE C 292 28.62 -5.49 -35.51
N ASN C 293 27.53 -4.75 -35.45
CA ASN C 293 27.45 -3.46 -36.12
C ASN C 293 28.05 -2.33 -35.28
N THR C 294 29.05 -1.61 -35.82
CA THR C 294 29.75 -0.50 -35.06
C THR C 294 29.32 0.94 -35.35
C1 GOL D . 31.04 1.35 -18.40
O1 GOL D . 30.32 0.12 -18.52
C2 GOL D . 32.24 1.24 -17.44
O2 GOL D . 31.94 0.57 -16.20
C3 GOL D . 32.68 2.64 -17.06
O3 GOL D . 32.69 3.43 -18.25
C1 GOL E . 22.72 -21.80 -20.53
O1 GOL E . 21.44 -22.01 -19.92
C2 GOL E . 23.73 -21.04 -19.64
O2 GOL E . 24.57 -21.96 -18.92
C3 GOL E . 22.99 -20.06 -18.71
O3 GOL E . 22.65 -18.91 -19.52
C1 GOL F . 13.23 -4.43 -34.70
O1 GOL F . 14.53 -4.42 -35.34
C2 GOL F . 13.15 -3.42 -33.58
O2 GOL F . 14.08 -2.34 -33.80
C3 GOL F . 13.46 -4.05 -32.23
O3 GOL F . 14.85 -4.36 -32.07
#